data_9MG0
#
_entry.id   9MG0
#
_cell.length_a   63.616
_cell.length_b   64.821
_cell.length_c   73.524
_cell.angle_alpha   90.00
_cell.angle_beta   94.48
_cell.angle_gamma   90.00
#
_symmetry.space_group_name_H-M   'P 1 21 1'
#
loop_
_entity.id
_entity.type
_entity.pdbx_description
1 polymer 'mRNA cap guanine-N(7) methyltransferase'
2 non-polymer S-ADENOSYL-L-HOMOCYSTEINE
3 non-polymer 1,2-ETHANEDIOL
4 non-polymer DI(HYDROXYETHYL)ETHER
5 non-polymer 'SULFATE ION'
6 non-polymer 'CALCIUM ION'
7 water water
#
_entity_poly.entity_id   1
_entity_poly.type   'polypeptide(L)'
_entity_poly.pdbx_seq_one_letter_code
;SPIIKLRNFNNAIKYILIDKFTRAGDVVLELACGKGGDLRKYGAAGISQFIGIDISNASITEALKRYHSMKNLEYQVILI
TGDCFGESLGVAVESFPECRFPCDIVSCQFALHYAFETEEKARRMLLNVVKSLKIGGYFFGTIPDSEFIRYKMNKIPESV
EKPSWGNSIYKVTFSNNEYQKNGNEFPSPFGQMYTFWLEDAIDNVPEYVIPFESFRSLADEYGMELELQKGFNEFFVEEI
PNWVNRFSPKMREGLKRSDGRYGVEGVEKEPAAYFYTTFAFRKVRDYQE
;
_entity_poly.pdbx_strand_id   A,B
#
loop_
_chem_comp.id
_chem_comp.type
_chem_comp.name
_chem_comp.formula
CA non-polymer 'CALCIUM ION' 'Ca 2'
EDO non-polymer 1,2-ETHANEDIOL 'C2 H6 O2'
PEG non-polymer DI(HYDROXYETHYL)ETHER 'C4 H10 O3'
SAH non-polymer S-ADENOSYL-L-HOMOCYSTEINE 'C14 H20 N6 O5 S'
SO4 non-polymer 'SULFATE ION' 'O4 S -2'
#
# COMPACT_ATOMS: atom_id res chain seq x y z
N SER A 1 2.92 11.24 21.35
CA SER A 1 3.64 10.09 20.83
C SER A 1 2.96 9.57 19.57
N PRO A 2 3.66 8.72 18.81
CA PRO A 2 3.03 8.13 17.62
C PRO A 2 1.73 7.39 17.93
N ILE A 3 1.67 6.64 19.03
CA ILE A 3 0.49 5.84 19.31
C ILE A 3 -0.69 6.71 19.72
N ILE A 4 -0.42 7.77 20.51
CA ILE A 4 -1.48 8.72 20.83
C ILE A 4 -2.05 9.35 19.57
N LYS A 5 -1.19 9.72 18.63
CA LYS A 5 -1.67 10.30 17.38
C LYS A 5 -2.48 9.30 16.57
N LEU A 6 -2.09 8.03 16.60
CA LEU A 6 -2.86 6.99 15.91
C LEU A 6 -4.25 6.84 16.53
N ARG A 7 -4.32 6.80 17.86
CA ARG A 7 -5.62 6.70 18.54
C ARG A 7 -6.52 7.89 18.21
N ASN A 8 -5.95 9.10 18.24
N ASN A 8 -5.96 9.11 18.27
CA ASN A 8 -6.72 10.30 17.90
CA ASN A 8 -6.75 10.29 17.90
C ASN A 8 -7.23 10.25 16.47
C ASN A 8 -7.28 10.16 16.48
N PHE A 9 -6.40 9.76 15.55
CA PHE A 9 -6.79 9.62 14.16
C PHE A 9 -7.91 8.60 14.00
N ASN A 10 -7.78 7.43 14.63
CA ASN A 10 -8.82 6.42 14.52
C ASN A 10 -10.13 6.92 15.12
N ASN A 11 -10.05 7.67 16.22
CA ASN A 11 -11.28 8.19 16.82
C ASN A 11 -11.96 9.20 15.88
N ALA A 12 -11.15 10.02 15.19
CA ALA A 12 -11.70 10.95 14.21
C ALA A 12 -12.37 10.20 13.07
N ILE A 13 -11.72 9.14 12.57
CA ILE A 13 -12.30 8.30 11.54
C ILE A 13 -13.65 7.79 11.99
N LYS A 14 -13.71 7.28 13.21
CA LYS A 14 -14.97 6.74 13.71
C LYS A 14 -16.03 7.82 13.87
N TYR A 15 -15.67 8.99 14.40
CA TYR A 15 -16.62 10.10 14.51
CA TYR A 15 -16.63 10.08 14.52
C TYR A 15 -17.24 10.40 13.16
N ILE A 16 -16.40 10.54 12.12
CA ILE A 16 -16.86 10.90 10.79
C ILE A 16 -17.72 9.80 10.21
N LEU A 17 -17.27 8.56 10.35
CA LEU A 17 -17.98 7.41 9.77
C LEU A 17 -19.34 7.22 10.41
N ILE A 18 -19.41 7.34 11.73
CA ILE A 18 -20.68 7.22 12.44
C ILE A 18 -21.64 8.30 11.98
N ASP A 19 -21.17 9.55 11.94
CA ASP A 19 -22.06 10.63 11.54
CA ASP A 19 -22.04 10.65 11.54
C ASP A 19 -22.52 10.46 10.09
N LYS A 20 -21.65 9.94 9.23
CA LYS A 20 -21.99 9.76 7.82
C LYS A 20 -23.19 8.85 7.66
N PHE A 21 -23.29 7.78 8.46
CA PHE A 21 -24.33 6.77 8.30
C PHE A 21 -25.42 6.80 9.38
N THR A 22 -25.32 7.65 10.39
CA THR A 22 -26.29 7.72 11.47
C THR A 22 -27.02 9.05 11.43
N ARG A 23 -28.33 9.01 11.61
CA ARG A 23 -29.14 10.22 11.63
C ARG A 23 -30.11 10.17 12.79
N ALA A 24 -30.70 11.32 13.06
CA ALA A 24 -31.50 11.50 14.24
C ALA A 24 -32.67 10.52 14.28
N GLY A 25 -32.82 9.88 15.43
CA GLY A 25 -33.85 8.90 15.63
C GLY A 25 -33.43 7.45 15.40
N ASP A 26 -32.26 7.23 14.83
CA ASP A 26 -31.85 5.87 14.50
C ASP A 26 -31.66 5.00 15.74
N VAL A 27 -31.92 3.72 15.54
CA VAL A 27 -31.54 2.66 16.47
C VAL A 27 -30.31 1.97 15.89
N VAL A 28 -29.24 1.89 16.68
CA VAL A 28 -27.99 1.27 16.25
CA VAL A 28 -27.98 1.29 16.27
C VAL A 28 -27.72 0.01 17.04
N LEU A 29 -27.32 -1.04 16.33
CA LEU A 29 -26.73 -2.25 16.89
C LEU A 29 -25.23 -2.21 16.61
N GLU A 30 -24.43 -2.21 17.67
CA GLU A 30 -22.98 -2.25 17.53
C GLU A 30 -22.49 -3.65 17.89
N LEU A 31 -22.04 -4.38 16.90
CA LEU A 31 -21.46 -5.71 17.09
C LEU A 31 -20.04 -5.59 17.63
N ALA A 32 -19.65 -6.52 18.51
CA ALA A 32 -18.30 -6.54 19.05
C ALA A 32 -17.90 -5.16 19.60
N CYS A 33 -18.79 -4.61 20.42
CA CYS A 33 -18.66 -3.24 20.88
C CYS A 33 -17.54 -3.02 21.87
N GLY A 34 -16.90 -4.09 22.34
CA GLY A 34 -15.84 -3.91 23.32
C GLY A 34 -16.31 -3.18 24.56
N LYS A 35 -15.50 -2.23 25.00
CA LYS A 35 -15.77 -1.46 26.21
C LYS A 35 -16.73 -0.29 25.97
N GLY A 36 -17.32 -0.21 24.79
CA GLY A 36 -18.38 0.75 24.55
C GLY A 36 -17.92 2.20 24.55
N GLY A 37 -16.78 2.48 23.92
CA GLY A 37 -16.22 3.82 23.96
C GLY A 37 -16.75 4.79 22.94
N ASP A 38 -17.70 4.41 22.07
CA ASP A 38 -18.19 5.33 21.03
C ASP A 38 -19.58 5.89 21.31
N LEU A 39 -20.12 5.72 22.51
CA LEU A 39 -21.49 6.15 22.78
C LEU A 39 -21.73 7.61 22.41
N ARG A 40 -20.83 8.49 22.82
CA ARG A 40 -21.05 9.90 22.57
C ARG A 40 -21.01 10.23 21.09
N LYS A 41 -20.31 9.42 20.29
CA LYS A 41 -20.30 9.63 18.85
C LYS A 41 -21.69 9.34 18.27
N TYR A 42 -22.34 8.26 18.72
CA TYR A 42 -23.72 7.99 18.31
C TYR A 42 -24.68 9.04 18.87
N GLY A 43 -24.46 9.46 20.11
CA GLY A 43 -25.29 10.53 20.67
C GLY A 43 -25.21 11.80 19.87
N ALA A 44 -24.00 12.20 19.44
CA ALA A 44 -23.85 13.39 18.64
C ALA A 44 -24.62 13.30 17.33
N ALA A 45 -24.78 12.08 16.80
CA ALA A 45 -25.51 11.85 15.56
C ALA A 45 -27.01 11.74 15.77
N GLY A 46 -27.47 11.72 17.02
CA GLY A 46 -28.88 11.81 17.33
C GLY A 46 -29.62 10.50 17.51
N ILE A 47 -28.93 9.42 17.86
CA ILE A 47 -29.63 8.14 17.99
C ILE A 47 -30.70 8.18 19.07
N SER A 48 -31.69 7.29 18.92
CA SER A 48 -32.68 7.05 19.94
C SER A 48 -32.38 5.84 20.81
N GLN A 49 -31.65 4.83 20.31
CA GLN A 49 -31.33 3.66 21.13
C GLN A 49 -30.02 3.09 20.59
N PHE A 50 -29.16 2.69 21.53
CA PHE A 50 -27.91 1.98 21.25
C PHE A 50 -28.01 0.62 21.87
N ILE A 51 -27.69 -0.41 21.08
CA ILE A 51 -27.60 -1.79 21.54
C ILE A 51 -26.19 -2.25 21.22
N GLY A 52 -25.40 -2.55 22.26
CA GLY A 52 -24.06 -3.03 22.04
C GLY A 52 -23.90 -4.44 22.52
N ILE A 53 -23.27 -5.31 21.74
CA ILE A 53 -23.07 -6.69 22.10
C ILE A 53 -21.60 -7.03 21.94
N ASP A 54 -21.02 -7.75 22.91
CA ASP A 54 -19.65 -8.22 22.80
C ASP A 54 -19.55 -9.58 23.49
N ILE A 55 -18.70 -10.45 22.95
CA ILE A 55 -18.54 -11.79 23.49
C ILE A 55 -17.86 -11.75 24.85
N SER A 56 -17.15 -10.67 25.17
CA SER A 56 -16.38 -10.57 26.41
C SER A 56 -17.24 -9.93 27.51
N ASN A 57 -17.55 -10.71 28.53
CA ASN A 57 -18.26 -10.19 29.67
C ASN A 57 -17.44 -9.17 30.42
N ALA A 58 -16.12 -9.34 30.48
CA ALA A 58 -15.28 -8.32 31.10
C ALA A 58 -15.41 -6.98 30.38
N SER A 59 -15.42 -7.00 29.05
CA SER A 59 -15.59 -5.75 28.31
C SER A 59 -16.97 -5.16 28.52
N ILE A 60 -18.01 -5.98 28.49
CA ILE A 60 -19.37 -5.48 28.72
C ILE A 60 -19.51 -4.91 30.12
N THR A 61 -18.95 -5.60 31.13
CA THR A 61 -19.00 -5.05 32.48
C THR A 61 -18.37 -3.67 32.51
N GLU A 62 -17.24 -3.49 31.82
CA GLU A 62 -16.60 -2.18 31.78
C GLU A 62 -17.45 -1.20 31.01
N ALA A 63 -18.07 -1.65 29.91
CA ALA A 63 -18.93 -0.77 29.13
C ALA A 63 -20.09 -0.29 29.99
N LEU A 64 -20.66 -1.17 30.81
CA LEU A 64 -21.77 -0.80 31.68
C LEU A 64 -21.31 0.18 32.75
N LYS A 65 -20.13 -0.05 33.34
CA LYS A 65 -19.59 0.88 34.32
C LYS A 65 -19.44 2.27 33.72
N ARG A 66 -18.87 2.36 32.52
CA ARG A 66 -18.71 3.66 31.88
C ARG A 66 -20.06 4.31 31.61
N TYR A 67 -21.00 3.55 31.05
CA TYR A 67 -22.33 4.09 30.77
C TYR A 67 -22.99 4.63 32.04
N HIS A 68 -22.95 3.85 33.13
CA HIS A 68 -23.62 4.24 34.36
C HIS A 68 -23.03 5.49 34.99
N SER A 69 -21.80 5.85 34.62
CA SER A 69 -21.23 7.11 35.10
C SER A 69 -21.72 8.32 34.30
N MET A 70 -22.46 8.12 33.20
CA MET A 70 -22.94 9.21 32.38
C MET A 70 -24.28 9.74 32.93
N LYS A 71 -24.61 10.97 32.53
CA LYS A 71 -25.78 11.66 33.04
C LYS A 71 -26.60 12.27 31.92
N ASN A 72 -27.94 12.23 32.09
CA ASN A 72 -28.88 12.96 31.25
C ASN A 72 -28.76 12.60 29.77
N LEU A 73 -28.63 11.32 29.47
CA LEU A 73 -28.57 10.90 28.08
C LEU A 73 -29.96 10.95 27.46
N GLU A 74 -30.00 11.38 26.20
CA GLU A 74 -31.25 11.47 25.45
C GLU A 74 -31.63 10.16 24.77
N TYR A 75 -30.83 9.11 24.93
CA TYR A 75 -31.06 7.84 24.27
C TYR A 75 -30.90 6.70 25.25
N GLN A 76 -31.53 5.58 24.94
CA GLN A 76 -31.45 4.38 25.74
C GLN A 76 -30.22 3.60 25.33
N VAL A 77 -29.60 2.93 26.30
CA VAL A 77 -28.39 2.15 26.10
C VAL A 77 -28.60 0.75 26.66
N ILE A 78 -28.42 -0.25 25.82
CA ILE A 78 -28.52 -1.66 26.17
C ILE A 78 -27.20 -2.30 25.83
N LEU A 79 -26.60 -3.00 26.79
CA LEU A 79 -25.28 -3.60 26.63
C LEU A 79 -25.39 -5.06 27.03
N ILE A 80 -24.95 -5.95 26.14
CA ILE A 80 -25.23 -7.39 26.25
C ILE A 80 -23.96 -8.18 26.01
N THR A 81 -23.72 -9.18 26.84
CA THR A 81 -22.69 -10.17 26.60
C THR A 81 -23.24 -11.24 25.69
N GLY A 82 -22.65 -11.42 24.51
CA GLY A 82 -23.14 -12.42 23.60
C GLY A 82 -22.24 -12.58 22.39
N ASP A 83 -22.40 -13.70 21.70
CA ASP A 83 -21.66 -14.03 20.49
C ASP A 83 -22.40 -13.46 19.29
N CYS A 84 -21.76 -12.51 18.59
CA CYS A 84 -22.35 -11.84 17.45
C CYS A 84 -22.09 -12.56 16.14
N PHE A 85 -21.18 -13.51 16.12
CA PHE A 85 -20.66 -14.05 14.87
C PHE A 85 -20.87 -15.54 14.71
N GLY A 86 -20.79 -16.30 15.80
CA GLY A 86 -20.87 -17.75 15.76
C GLY A 86 -22.20 -18.31 16.19
N GLU A 87 -23.14 -17.47 16.59
CA GLU A 87 -24.46 -17.91 17.02
C GLU A 87 -25.48 -16.90 16.52
N SER A 88 -26.72 -17.38 16.35
CA SER A 88 -27.80 -16.46 16.01
C SER A 88 -27.91 -15.38 17.09
N LEU A 89 -28.15 -14.16 16.65
CA LEU A 89 -28.26 -13.07 17.60
C LEU A 89 -29.45 -13.23 18.53
N GLY A 90 -30.48 -13.99 18.14
CA GLY A 90 -31.62 -14.18 19.01
C GLY A 90 -31.25 -14.75 20.37
N VAL A 91 -30.20 -15.56 20.42
CA VAL A 91 -29.71 -16.08 21.69
C VAL A 91 -29.33 -14.92 22.62
N ALA A 92 -28.54 -13.99 22.10
CA ALA A 92 -28.02 -12.91 22.95
C ALA A 92 -29.14 -11.97 23.39
N VAL A 93 -30.07 -11.67 22.49
CA VAL A 93 -30.99 -10.56 22.75
C VAL A 93 -32.32 -11.04 23.33
N GLU A 94 -32.53 -12.34 23.45
CA GLU A 94 -33.82 -12.87 23.92
C GLU A 94 -34.22 -12.25 25.24
N SER A 95 -33.27 -12.07 26.15
CA SER A 95 -33.56 -11.57 27.48
C SER A 95 -33.51 -10.06 27.57
N PHE A 96 -33.41 -9.37 26.43
CA PHE A 96 -33.44 -7.91 26.37
C PHE A 96 -34.56 -7.48 25.41
N PRO A 97 -35.82 -7.68 25.82
CA PRO A 97 -36.94 -7.35 24.93
C PRO A 97 -37.09 -5.86 24.64
N GLU A 98 -36.40 -4.99 25.38
CA GLU A 98 -36.44 -3.55 25.11
CA GLU A 98 -36.45 -3.56 25.10
C GLU A 98 -35.69 -3.18 23.83
N CYS A 99 -34.88 -4.08 23.27
CA CYS A 99 -34.21 -3.77 22.01
C CYS A 99 -35.26 -3.53 20.94
N ARG A 100 -35.02 -2.52 20.11
CA ARG A 100 -35.96 -2.15 19.06
CA ARG A 100 -35.95 -2.14 19.05
C ARG A 100 -35.43 -2.67 17.72
N PHE A 101 -35.75 -3.94 17.43
CA PHE A 101 -35.43 -4.59 16.17
C PHE A 101 -36.68 -4.66 15.29
N PRO A 102 -36.52 -4.54 13.98
CA PRO A 102 -35.28 -4.26 13.26
C PRO A 102 -34.74 -2.86 13.52
N CYS A 103 -33.43 -2.71 13.38
CA CYS A 103 -32.75 -1.45 13.63
CA CYS A 103 -32.73 -1.45 13.62
C CYS A 103 -32.39 -0.76 12.32
N ASP A 104 -31.89 0.47 12.45
CA ASP A 104 -31.56 1.29 11.30
C ASP A 104 -30.13 1.12 10.84
N ILE A 105 -29.22 0.82 11.74
CA ILE A 105 -27.79 0.74 11.49
CA ILE A 105 -27.81 0.71 11.44
C ILE A 105 -27.22 -0.41 12.27
N VAL A 106 -26.27 -1.11 11.66
CA VAL A 106 -25.40 -2.06 12.35
C VAL A 106 -23.98 -1.58 12.13
N SER A 107 -23.24 -1.41 13.21
CA SER A 107 -21.85 -0.98 13.11
CA SER A 107 -21.85 -0.97 13.14
C SER A 107 -20.94 -2.03 13.74
N CYS A 108 -19.69 -2.07 13.30
CA CYS A 108 -18.71 -2.99 13.90
C CYS A 108 -17.32 -2.43 13.66
N GLN A 109 -16.65 -2.00 14.72
CA GLN A 109 -15.35 -1.34 14.61
C GLN A 109 -14.23 -2.28 15.02
N PHE A 110 -13.25 -2.43 14.13
CA PHE A 110 -12.01 -3.14 14.42
C PHE A 110 -12.28 -4.55 14.95
N ALA A 111 -13.26 -5.23 14.36
CA ALA A 111 -13.62 -6.55 14.88
C ALA A 111 -14.21 -7.53 13.88
N LEU A 112 -14.71 -7.07 12.74
CA LEU A 112 -15.47 -7.97 11.90
C LEU A 112 -14.64 -9.13 11.37
N HIS A 113 -13.34 -8.90 11.23
CA HIS A 113 -12.44 -9.96 10.77
C HIS A 113 -12.43 -11.17 11.66
N TYR A 114 -12.85 -11.04 12.93
CA TYR A 114 -13.00 -12.22 13.76
C TYR A 114 -14.04 -13.18 13.18
N ALA A 115 -15.05 -12.65 12.48
CA ALA A 115 -16.06 -13.50 11.88
C ALA A 115 -15.52 -14.32 10.72
N PHE A 116 -14.33 -13.98 10.19
CA PHE A 116 -13.74 -14.70 9.08
C PHE A 116 -12.88 -15.88 9.52
N GLU A 117 -12.98 -16.29 10.79
CA GLU A 117 -12.29 -17.48 11.26
C GLU A 117 -12.68 -18.69 10.41
N THR A 118 -13.96 -18.79 10.05
CA THR A 118 -14.47 -19.89 9.23
C THR A 118 -15.58 -19.32 8.33
N GLU A 119 -15.90 -20.07 7.27
CA GLU A 119 -17.02 -19.70 6.42
C GLU A 119 -18.33 -19.71 7.21
N GLU A 120 -18.52 -20.71 8.06
CA GLU A 120 -19.72 -20.79 8.88
C GLU A 120 -19.92 -19.52 9.68
N LYS A 121 -18.84 -19.06 10.33
CA LYS A 121 -18.96 -17.82 11.13
CA LYS A 121 -18.99 -17.82 11.18
C LYS A 121 -19.15 -16.54 10.29
N ALA A 122 -18.52 -16.50 9.11
CA ALA A 122 -18.71 -15.33 8.25
C ALA A 122 -20.17 -15.24 7.81
N ARG A 123 -20.76 -16.38 7.45
CA ARG A 123 -22.16 -16.42 7.01
C ARG A 123 -23.12 -16.22 8.18
N ARG A 124 -22.80 -16.74 9.35
CA ARG A 124 -23.67 -16.49 10.50
C ARG A 124 -23.67 -15.02 10.87
N MET A 125 -22.50 -14.37 10.80
CA MET A 125 -22.41 -12.94 11.03
C MET A 125 -23.30 -12.18 10.05
N LEU A 126 -23.22 -12.53 8.77
CA LEU A 126 -23.97 -11.78 7.77
C LEU A 126 -25.47 -12.02 7.94
N LEU A 127 -25.88 -13.24 8.27
CA LEU A 127 -27.28 -13.51 8.55
CA LEU A 127 -27.28 -13.52 8.55
C LEU A 127 -27.76 -12.70 9.75
N ASN A 128 -26.93 -12.59 10.79
CA ASN A 128 -27.30 -11.79 11.95
C ASN A 128 -27.49 -10.34 11.55
N VAL A 129 -26.62 -9.83 10.69
CA VAL A 129 -26.69 -8.42 10.29
C VAL A 129 -27.96 -8.16 9.50
N VAL A 130 -28.22 -8.96 8.47
CA VAL A 130 -29.34 -8.64 7.59
CA VAL A 130 -29.33 -8.65 7.59
C VAL A 130 -30.66 -8.83 8.31
N LYS A 131 -30.76 -9.86 9.15
CA LYS A 131 -32.01 -10.08 9.87
C LYS A 131 -32.25 -8.98 10.90
N SER A 132 -31.18 -8.32 11.38
CA SER A 132 -31.36 -7.25 12.35
CA SER A 132 -31.36 -7.25 12.35
C SER A 132 -31.79 -5.95 11.70
N LEU A 133 -31.45 -5.73 10.43
CA LEU A 133 -31.63 -4.45 9.78
C LEU A 133 -32.94 -4.30 9.05
N LYS A 134 -33.44 -3.07 9.05
CA LYS A 134 -34.52 -2.70 8.14
C LYS A 134 -34.00 -2.70 6.71
N ILE A 135 -34.88 -3.03 5.76
CA ILE A 135 -34.57 -2.74 4.37
C ILE A 135 -34.25 -1.26 4.23
N GLY A 136 -33.14 -0.97 3.55
CA GLY A 136 -32.64 0.37 3.42
C GLY A 136 -31.64 0.76 4.47
N GLY A 137 -31.47 -0.05 5.50
CA GLY A 137 -30.53 0.26 6.56
C GLY A 137 -29.09 0.01 6.12
N TYR A 138 -28.17 0.49 6.93
CA TYR A 138 -26.74 0.44 6.62
C TYR A 138 -25.96 -0.38 7.63
N PHE A 139 -24.93 -1.05 7.13
CA PHE A 139 -23.97 -1.84 7.90
C PHE A 139 -22.61 -1.26 7.61
N PHE A 140 -21.94 -0.76 8.63
CA PHE A 140 -20.68 -0.04 8.41
C PHE A 140 -19.67 -0.31 9.49
N GLY A 141 -18.41 0.00 9.20
CA GLY A 141 -17.38 -0.21 10.21
C GLY A 141 -15.99 -0.06 9.63
N THR A 142 -15.04 -0.63 10.35
CA THR A 142 -13.61 -0.45 10.11
C THR A 142 -12.92 -1.80 10.24
N ILE A 143 -12.12 -2.18 9.25
CA ILE A 143 -11.48 -3.49 9.21
C ILE A 143 -10.06 -3.34 8.66
N PRO A 144 -9.18 -4.29 8.97
CA PRO A 144 -7.89 -4.35 8.26
C PRO A 144 -8.17 -4.47 6.77
N ASP A 145 -7.36 -3.78 5.97
CA ASP A 145 -7.53 -3.70 4.53
C ASP A 145 -6.79 -4.84 3.84
N SER A 146 -7.54 -5.82 3.34
CA SER A 146 -6.93 -6.95 2.67
C SER A 146 -6.14 -6.53 1.44
N GLU A 147 -6.48 -5.41 0.83
CA GLU A 147 -5.74 -4.98 -0.35
CA GLU A 147 -5.73 -4.98 -0.35
C GLU A 147 -4.34 -4.50 0.01
N PHE A 148 -4.21 -3.82 1.15
CA PHE A 148 -2.90 -3.44 1.65
C PHE A 148 -2.12 -4.67 2.11
N ILE A 149 -2.79 -5.58 2.81
CA ILE A 149 -2.16 -6.86 3.23
C ILE A 149 -1.64 -7.56 1.97
N ARG A 150 -2.43 -7.60 0.92
CA ARG A 150 -1.95 -8.39 -0.28
CA ARG A 150 -1.96 -8.39 -0.28
C ARG A 150 -0.72 -7.70 -0.95
N TYR A 151 -0.71 -6.37 -0.95
CA TYR A 151 0.46 -5.61 -1.48
C TYR A 151 1.69 -6.03 -0.68
N LYS A 152 1.62 -5.98 0.65
CA LYS A 152 2.77 -6.33 1.52
C LYS A 152 3.16 -7.79 1.27
N MET A 153 2.19 -8.67 1.17
CA MET A 153 2.48 -10.10 1.01
C MET A 153 3.12 -10.37 -0.34
N ASN A 154 2.77 -9.59 -1.37
CA ASN A 154 3.32 -9.78 -2.71
C ASN A 154 4.78 -9.40 -2.79
N LYS A 155 5.27 -8.65 -1.80
CA LYS A 155 6.67 -8.24 -1.73
C LYS A 155 7.51 -9.19 -0.89
N ILE A 156 6.94 -10.27 -0.38
CA ILE A 156 7.65 -11.23 0.49
C ILE A 156 7.85 -12.52 -0.30
N PRO A 157 9.08 -12.96 -0.49
CA PRO A 157 9.30 -14.17 -1.29
C PRO A 157 8.82 -15.42 -0.58
N GLU A 158 8.50 -16.42 -1.39
CA GLU A 158 7.97 -17.68 -0.90
C GLU A 158 8.93 -18.40 0.04
N SER A 159 10.22 -18.04 0.04
CA SER A 159 11.17 -18.68 0.95
C SER A 159 10.94 -18.31 2.42
N VAL A 160 10.18 -17.24 2.70
CA VAL A 160 9.94 -16.79 4.06
C VAL A 160 8.80 -17.61 4.65
N GLU A 161 9.09 -18.35 5.72
CA GLU A 161 8.09 -19.28 6.24
C GLU A 161 6.94 -18.57 6.94
N LYS A 162 7.20 -17.44 7.61
CA LYS A 162 6.18 -16.70 8.36
C LYS A 162 6.23 -15.25 7.87
N PRO A 163 5.56 -14.96 6.77
CA PRO A 163 5.63 -13.62 6.19
C PRO A 163 5.32 -12.53 7.21
N SER A 164 6.18 -11.52 7.27
CA SER A 164 6.05 -10.50 8.30
C SER A 164 6.51 -9.15 7.79
N TRP A 165 5.85 -8.10 8.29
CA TRP A 165 6.29 -6.74 8.09
C TRP A 165 5.89 -5.91 9.29
N GLY A 166 6.44 -4.71 9.41
CA GLY A 166 6.08 -3.84 10.49
C GLY A 166 7.10 -2.72 10.67
N ASN A 167 6.95 -2.00 11.77
CA ASN A 167 7.82 -0.85 12.07
C ASN A 167 7.92 -0.76 13.59
N SER A 168 8.39 0.38 14.08
CA SER A 168 8.67 0.48 15.50
C SER A 168 7.43 0.39 16.37
N ILE A 169 6.22 0.54 15.84
CA ILE A 169 5.02 0.50 16.66
C ILE A 169 4.02 -0.57 16.25
N TYR A 170 4.27 -1.34 15.18
CA TYR A 170 3.33 -2.41 14.83
C TYR A 170 4.02 -3.50 14.05
N LYS A 171 3.41 -4.69 14.07
CA LYS A 171 3.96 -5.82 13.35
C LYS A 171 2.86 -6.80 12.96
N VAL A 172 2.97 -7.36 11.76
CA VAL A 172 2.10 -8.40 11.25
C VAL A 172 2.95 -9.63 10.98
N THR A 173 2.55 -10.79 11.49
CA THR A 173 3.30 -12.03 11.26
C THR A 173 2.33 -13.12 10.87
N PHE A 174 2.36 -13.54 9.62
CA PHE A 174 1.47 -14.59 9.17
C PHE A 174 1.88 -15.95 9.75
N SER A 175 0.87 -16.77 10.06
CA SER A 175 1.09 -18.11 10.60
C SER A 175 1.79 -19.01 9.58
N ASN A 176 1.53 -18.81 8.29
CA ASN A 176 2.15 -19.62 7.26
C ASN A 176 2.31 -18.79 5.98
N ASN A 177 3.00 -19.39 5.01
CA ASN A 177 3.23 -18.79 3.70
C ASN A 177 2.43 -19.48 2.60
N GLU A 178 1.24 -19.99 2.94
CA GLU A 178 0.42 -20.62 1.91
C GLU A 178 -0.01 -19.63 0.83
N TYR A 179 -0.16 -18.35 1.19
CA TYR A 179 -0.43 -17.31 0.19
C TYR A 179 0.63 -17.31 -0.90
N GLN A 180 1.89 -17.23 -0.50
CA GLN A 180 2.97 -17.19 -1.48
C GLN A 180 3.13 -18.51 -2.22
N LYS A 181 2.86 -19.64 -1.55
CA LYS A 181 2.96 -20.94 -2.20
C LYS A 181 1.86 -21.15 -3.22
N ASN A 182 0.76 -20.41 -3.11
CA ASN A 182 -0.42 -20.54 -3.97
C ASN A 182 -0.48 -19.43 -5.00
N GLY A 183 0.67 -19.04 -5.52
CA GLY A 183 0.75 -17.98 -6.52
C GLY A 183 0.30 -16.62 -6.01
N ASN A 184 0.60 -16.29 -4.75
CA ASN A 184 0.25 -15.02 -4.15
C ASN A 184 -1.27 -14.85 -4.11
N GLU A 185 -1.93 -15.85 -3.52
CA GLU A 185 -3.37 -15.88 -3.36
C GLU A 185 -3.70 -16.74 -2.15
N PHE A 186 -4.65 -16.29 -1.34
CA PHE A 186 -5.01 -17.09 -0.18
C PHE A 186 -5.72 -18.37 -0.63
N PRO A 187 -5.39 -19.51 -0.04
CA PRO A 187 -6.03 -20.77 -0.47
C PRO A 187 -7.52 -20.82 -0.13
N SER A 188 -7.97 -20.04 0.84
CA SER A 188 -9.36 -19.91 1.25
C SER A 188 -9.54 -18.49 1.74
N PRO A 189 -10.74 -17.91 1.62
CA PRO A 189 -10.95 -16.58 2.22
C PRO A 189 -10.96 -16.60 3.73
N PHE A 190 -11.07 -17.77 4.34
CA PHE A 190 -11.35 -17.89 5.76
C PHE A 190 -10.19 -18.52 6.51
N GLY A 191 -10.05 -18.10 7.77
CA GLY A 191 -9.06 -18.72 8.64
C GLY A 191 -7.62 -18.38 8.31
N GLN A 192 -7.37 -17.31 7.56
CA GLN A 192 -6.01 -16.97 7.18
C GLN A 192 -5.46 -16.12 8.31
N MET A 193 -4.68 -16.74 9.21
CA MET A 193 -4.33 -16.08 10.46
C MET A 193 -2.99 -15.37 10.41
N TYR A 194 -2.92 -14.21 11.05
CA TYR A 194 -1.67 -13.52 11.32
C TYR A 194 -1.73 -12.98 12.74
N THR A 195 -0.57 -12.90 13.37
CA THR A 195 -0.47 -12.29 14.68
CA THR A 195 -0.43 -12.30 14.68
C THR A 195 -0.21 -10.80 14.49
N PHE A 196 -0.92 -10.00 15.27
CA PHE A 196 -0.92 -8.56 15.13
C PHE A 196 -0.47 -7.91 16.42
N TRP A 197 0.57 -7.09 16.33
CA TRP A 197 1.07 -6.28 17.44
C TRP A 197 0.88 -4.83 17.08
N LEU A 198 0.29 -4.06 17.99
CA LEU A 198 0.23 -2.60 17.88
C LEU A 198 0.54 -2.06 19.26
N GLU A 199 1.60 -1.24 19.34
CA GLU A 199 2.11 -0.74 20.62
CA GLU A 199 2.11 -0.74 20.62
C GLU A 199 0.98 -0.25 21.52
N ASP A 200 0.97 -0.76 22.75
CA ASP A 200 0.04 -0.32 23.80
C ASP A 200 -1.43 -0.48 23.40
N ALA A 201 -1.73 -1.31 22.42
CA ALA A 201 -3.09 -1.46 21.92
C ALA A 201 -3.50 -2.92 21.71
N ILE A 202 -2.69 -3.67 20.98
CA ILE A 202 -3.02 -5.05 20.62
C ILE A 202 -1.78 -5.90 20.87
N ASP A 203 -1.89 -6.83 21.81
CA ASP A 203 -0.73 -7.56 22.34
C ASP A 203 -0.56 -8.89 21.60
N ASN A 204 -0.13 -8.81 20.34
CA ASN A 204 0.29 -10.00 19.57
C ASN A 204 -0.86 -10.99 19.41
N VAL A 205 -2.02 -10.46 19.03
CA VAL A 205 -3.26 -11.21 18.97
C VAL A 205 -3.43 -11.89 17.62
N PRO A 206 -3.86 -13.16 17.58
CA PRO A 206 -4.18 -13.78 16.28
C PRO A 206 -5.42 -13.15 15.66
N GLU A 207 -5.30 -12.77 14.40
CA GLU A 207 -6.35 -12.13 13.64
CA GLU A 207 -6.36 -12.12 13.64
C GLU A 207 -6.51 -12.86 12.32
N TYR A 208 -7.67 -12.71 11.66
CA TYR A 208 -7.90 -13.34 10.37
C TYR A 208 -8.06 -12.28 9.29
N VAL A 209 -7.56 -12.58 8.09
CA VAL A 209 -7.76 -11.69 6.96
C VAL A 209 -9.27 -11.67 6.66
N ILE A 210 -9.75 -10.51 6.21
CA ILE A 210 -11.11 -10.38 5.69
C ILE A 210 -10.98 -9.94 4.24
N PRO A 211 -10.85 -10.88 3.30
CA PRO A 211 -10.62 -10.51 1.89
C PRO A 211 -11.81 -9.73 1.35
N PHE A 212 -11.56 -8.50 0.89
CA PHE A 212 -12.70 -7.64 0.62
C PHE A 212 -13.59 -8.20 -0.48
N GLU A 213 -13.00 -8.81 -1.51
CA GLU A 213 -13.81 -9.34 -2.59
C GLU A 213 -14.76 -10.41 -2.08
N SER A 214 -14.28 -11.25 -1.16
CA SER A 214 -15.13 -12.30 -0.59
CA SER A 214 -15.14 -12.29 -0.58
C SER A 214 -16.21 -11.70 0.31
N PHE A 215 -15.84 -10.72 1.14
CA PHE A 215 -16.80 -10.02 1.98
C PHE A 215 -17.89 -9.41 1.14
N ARG A 216 -17.53 -8.72 0.06
CA ARG A 216 -18.52 -8.11 -0.80
C ARG A 216 -19.42 -9.14 -1.47
N SER A 217 -18.84 -10.21 -2.02
N SER A 217 -18.85 -10.24 -1.99
CA SER A 217 -19.63 -11.23 -2.68
CA SER A 217 -19.69 -11.20 -2.70
C SER A 217 -20.60 -11.87 -1.69
C SER A 217 -20.58 -11.98 -1.74
N LEU A 218 -20.10 -12.25 -0.52
CA LEU A 218 -20.95 -12.84 0.49
C LEU A 218 -22.08 -11.88 0.87
N ALA A 219 -21.74 -10.61 1.12
CA ALA A 219 -22.75 -9.64 1.52
C ALA A 219 -23.88 -9.58 0.50
N ASP A 220 -23.54 -9.64 -0.79
CA ASP A 220 -24.54 -9.61 -1.86
C ASP A 220 -25.49 -10.80 -1.76
N GLU A 221 -24.97 -11.97 -1.39
CA GLU A 221 -25.84 -13.13 -1.23
C GLU A 221 -26.91 -12.88 -0.18
N TYR A 222 -26.62 -12.02 0.81
CA TYR A 222 -27.58 -11.71 1.87
C TYR A 222 -28.26 -10.37 1.65
N GLY A 223 -28.27 -9.86 0.41
CA GLY A 223 -29.06 -8.70 0.08
C GLY A 223 -28.42 -7.37 0.45
N MET A 224 -27.13 -7.37 0.69
CA MET A 224 -26.39 -6.16 1.04
CA MET A 224 -26.39 -6.16 1.06
C MET A 224 -25.44 -5.77 -0.07
N GLU A 225 -25.52 -4.52 -0.50
CA GLU A 225 -24.73 -4.01 -1.61
C GLU A 225 -23.77 -2.93 -1.16
N LEU A 226 -22.67 -2.81 -1.88
CA LEU A 226 -21.59 -1.97 -1.40
C LEU A 226 -21.92 -0.49 -1.42
N GLU A 227 -21.59 0.20 -0.33
CA GLU A 227 -21.71 1.64 -0.18
C GLU A 227 -20.37 2.34 -0.06
N LEU A 228 -19.38 1.76 0.60
CA LEU A 228 -18.13 2.44 0.88
C LEU A 228 -17.03 1.42 1.11
N GLN A 229 -15.84 1.71 0.59
CA GLN A 229 -14.67 0.88 0.84
C GLN A 229 -13.40 1.71 0.87
N LYS A 230 -13.49 3.00 1.20
CA LYS A 230 -12.30 3.85 1.20
C LYS A 230 -11.35 3.53 2.35
N GLY A 231 -10.07 3.40 2.03
CA GLY A 231 -9.06 3.31 3.07
C GLY A 231 -9.06 4.51 3.98
N PHE A 232 -8.51 4.32 5.18
CA PHE A 232 -8.53 5.42 6.15
C PHE A 232 -7.92 6.69 5.59
N ASN A 233 -6.79 6.58 4.89
CA ASN A 233 -6.15 7.80 4.41
C ASN A 233 -7.07 8.59 3.48
N GLU A 234 -7.61 7.93 2.46
CA GLU A 234 -8.47 8.64 1.51
C GLU A 234 -9.74 9.14 2.20
N PHE A 235 -10.34 8.33 3.05
CA PHE A 235 -11.54 8.75 3.76
C PHE A 235 -11.28 10.03 4.55
N PHE A 236 -10.19 10.07 5.31
CA PHE A 236 -9.86 11.26 6.08
C PHE A 236 -9.59 12.47 5.18
N VAL A 237 -8.80 12.28 4.12
CA VAL A 237 -8.49 13.39 3.23
C VAL A 237 -9.77 14.00 2.68
N GLU A 238 -10.71 13.17 2.30
CA GLU A 238 -11.92 13.67 1.69
C GLU A 238 -12.86 14.30 2.69
N GLU A 239 -12.92 13.78 3.91
CA GLU A 239 -13.94 14.22 4.85
C GLU A 239 -13.48 15.29 5.82
N ILE A 240 -12.19 15.41 6.09
CA ILE A 240 -11.74 16.33 7.13
C ILE A 240 -12.11 17.79 6.88
N PRO A 241 -12.24 18.26 5.63
CA PRO A 241 -12.63 19.68 5.44
C PRO A 241 -14.02 20.00 5.97
N ASN A 242 -14.98 19.09 5.79
CA ASN A 242 -16.29 19.26 6.41
C ASN A 242 -16.20 19.27 7.92
N TRP A 243 -15.04 18.91 8.46
CA TRP A 243 -14.92 18.38 9.81
C TRP A 243 -13.97 19.14 10.69
N VAL A 244 -13.07 19.95 10.12
CA VAL A 244 -12.09 20.67 10.92
C VAL A 244 -12.77 21.43 12.06
N ASN A 245 -13.67 22.35 11.73
CA ASN A 245 -14.25 23.28 12.70
C ASN A 245 -15.25 22.63 13.64
N ARG A 246 -15.56 21.35 13.45
CA ARG A 246 -16.51 20.67 14.34
C ARG A 246 -15.81 19.90 15.46
N PHE A 247 -14.58 19.47 15.24
CA PHE A 247 -13.90 18.64 16.23
C PHE A 247 -13.60 19.43 17.50
N SER A 248 -13.53 18.71 18.60
CA SER A 248 -12.98 19.25 19.83
C SER A 248 -11.66 19.96 19.51
N PRO A 249 -11.53 21.25 19.80
CA PRO A 249 -10.29 21.96 19.45
C PRO A 249 -9.05 21.25 19.97
N LYS A 250 -9.23 20.35 20.95
CA LYS A 250 -8.14 19.50 21.40
C LYS A 250 -7.93 18.33 20.45
N MET A 251 -9.01 17.66 20.04
CA MET A 251 -8.91 16.65 19.00
C MET A 251 -8.39 17.25 17.70
N ARG A 252 -8.80 18.49 17.40
CA ARG A 252 -8.25 19.19 16.24
C ARG A 252 -6.74 19.32 16.35
N GLU A 253 -6.27 19.78 17.51
CA GLU A 253 -4.83 19.87 17.74
C GLU A 253 -4.18 18.50 17.67
N GLY A 254 -4.85 17.48 18.21
CA GLY A 254 -4.32 16.13 18.15
C GLY A 254 -4.24 15.54 16.76
N LEU A 255 -4.84 16.19 15.77
CA LEU A 255 -4.81 15.73 14.38
C LEU A 255 -3.81 16.48 13.53
N LYS A 256 -3.01 17.36 14.13
CA LYS A 256 -2.08 18.20 13.37
C LYS A 256 -0.72 17.51 13.25
N ARG A 257 -0.17 17.54 12.04
CA ARG A 257 1.16 17.01 11.78
C ARG A 257 2.22 18.06 12.08
N SER A 258 3.50 17.69 11.90
CA SER A 258 4.57 18.67 12.00
C SER A 258 4.41 19.77 10.95
N ASP A 259 4.02 19.40 9.73
CA ASP A 259 3.86 20.39 8.67
C ASP A 259 2.62 21.25 8.86
N GLY A 260 1.88 21.09 9.96
CA GLY A 260 0.78 21.96 10.30
C GLY A 260 -0.57 21.57 9.76
N ARG A 261 -0.64 20.66 8.80
CA ARG A 261 -1.91 20.24 8.22
C ARG A 261 -2.42 19.00 8.95
N TYR A 262 -3.62 18.55 8.58
CA TYR A 262 -4.32 17.52 9.33
C TYR A 262 -4.00 16.13 8.83
N GLY A 263 -3.71 15.23 9.74
CA GLY A 263 -3.50 13.82 9.42
C GLY A 263 -2.52 13.19 10.38
N VAL A 264 -1.80 12.18 9.87
CA VAL A 264 -0.77 11.48 10.61
C VAL A 264 0.49 11.42 9.77
N GLU A 265 1.64 11.38 10.43
CA GLU A 265 2.93 11.26 9.79
C GLU A 265 3.86 10.47 10.69
N GLY A 266 4.96 10.00 10.14
CA GLY A 266 5.94 9.26 10.91
C GLY A 266 5.58 7.79 11.00
N VAL A 267 6.08 7.15 12.05
CA VAL A 267 5.90 5.70 12.20
C VAL A 267 4.42 5.35 12.32
N GLU A 268 3.59 6.28 12.71
CA GLU A 268 2.17 5.93 12.82
C GLU A 268 1.45 5.91 11.48
N LYS A 269 2.03 6.47 10.41
CA LYS A 269 1.28 6.62 9.17
C LYS A 269 0.80 5.28 8.62
N GLU A 270 1.69 4.28 8.55
CA GLU A 270 1.28 3.03 7.92
C GLU A 270 0.21 2.31 8.70
N PRO A 271 0.36 2.06 10.01
CA PRO A 271 -0.75 1.40 10.72
C PRO A 271 -2.00 2.26 10.84
N ALA A 272 -1.87 3.57 10.89
CA ALA A 272 -3.05 4.42 11.09
C ALA A 272 -3.81 4.64 9.80
N ALA A 273 -3.11 4.86 8.68
CA ALA A 273 -3.70 5.39 7.45
C ALA A 273 -3.77 4.39 6.30
N TYR A 274 -2.92 3.35 6.30
CA TYR A 274 -2.90 2.35 5.24
C TYR A 274 -3.42 0.98 5.65
N PHE A 275 -3.14 0.55 6.88
CA PHE A 275 -3.48 -0.83 7.24
C PHE A 275 -4.99 -1.04 7.34
N TYR A 276 -5.77 0.00 7.63
CA TYR A 276 -7.21 -0.11 7.86
C TYR A 276 -8.00 0.57 6.76
N THR A 277 -9.21 0.04 6.56
CA THR A 277 -10.19 0.60 5.65
C THR A 277 -11.56 0.73 6.31
N THR A 278 -12.29 1.72 5.83
CA THR A 278 -13.71 1.77 6.12
C THR A 278 -14.42 0.74 5.25
N PHE A 279 -15.64 0.36 5.70
CA PHE A 279 -16.56 -0.39 4.86
C PHE A 279 -17.98 0.05 5.16
N ALA A 280 -18.84 -0.03 4.14
CA ALA A 280 -20.27 0.07 4.41
C ALA A 280 -21.02 -0.65 3.30
N PHE A 281 -22.18 -1.19 3.68
CA PHE A 281 -23.13 -1.82 2.79
C PHE A 281 -24.52 -1.29 3.14
N ARG A 282 -25.44 -1.40 2.18
CA ARG A 282 -26.85 -1.10 2.40
C ARG A 282 -27.64 -2.36 2.15
N LYS A 283 -28.60 -2.64 3.05
CA LYS A 283 -29.53 -3.73 2.83
C LYS A 283 -30.57 -3.28 1.82
N VAL A 284 -30.53 -3.86 0.63
CA VAL A 284 -31.44 -3.43 -0.43
C VAL A 284 -32.65 -4.34 -0.56
N ARG A 285 -32.61 -5.52 0.03
CA ARG A 285 -33.70 -6.47 -0.10
C ARG A 285 -33.61 -7.45 1.06
N ASP A 286 -34.73 -8.08 1.34
CA ASP A 286 -34.83 -9.07 2.39
C ASP A 286 -34.15 -10.36 1.94
N TYR A 287 -33.48 -11.01 2.90
CA TYR A 287 -32.93 -12.33 2.68
C TYR A 287 -34.05 -13.35 2.83
N GLN A 288 -34.37 -14.03 1.74
CA GLN A 288 -35.58 -14.81 1.71
C GLN A 288 -35.37 -16.27 2.04
N SER B 1 12.15 20.97 1.90
CA SER B 1 10.81 20.82 1.34
C SER B 1 10.58 19.34 1.07
N PRO B 2 9.32 18.91 0.97
CA PRO B 2 9.04 17.50 0.66
C PRO B 2 9.76 16.99 -0.59
N ILE B 3 9.80 17.78 -1.67
CA ILE B 3 10.37 17.28 -2.92
C ILE B 3 11.90 17.16 -2.82
N ILE B 4 12.55 18.08 -2.11
CA ILE B 4 14.00 17.95 -1.94
C ILE B 4 14.33 16.75 -1.06
N LYS B 5 13.51 16.50 -0.03
CA LYS B 5 13.73 15.30 0.77
C LYS B 5 13.51 14.04 -0.07
N LEU B 6 12.51 14.04 -0.95
CA LEU B 6 12.32 12.91 -1.86
C LEU B 6 13.55 12.71 -2.74
N ARG B 7 14.11 13.79 -3.28
CA ARG B 7 15.29 13.66 -4.14
C ARG B 7 16.46 13.09 -3.37
N ASN B 8 16.69 13.59 -2.14
CA ASN B 8 17.77 13.06 -1.32
C ASN B 8 17.56 11.57 -1.05
N PHE B 9 16.33 11.19 -0.72
CA PHE B 9 16.02 9.81 -0.41
C PHE B 9 16.28 8.92 -1.62
N ASN B 10 15.83 9.34 -2.80
CA ASN B 10 16.05 8.53 -4.00
C ASN B 10 17.53 8.43 -4.33
N ASN B 11 18.29 9.50 -4.11
CA ASN B 11 19.72 9.41 -4.38
C ASN B 11 20.40 8.46 -3.40
N ALA B 12 19.96 8.44 -2.14
CA ALA B 12 20.49 7.47 -1.19
C ALA B 12 20.15 6.05 -1.61
N ILE B 13 18.92 5.81 -2.06
CA ILE B 13 18.54 4.49 -2.55
C ILE B 13 19.46 4.08 -3.68
N LYS B 14 19.68 4.98 -4.64
CA LYS B 14 20.53 4.65 -5.77
C LYS B 14 21.96 4.38 -5.34
N TYR B 15 22.48 5.19 -4.41
CA TYR B 15 23.84 4.98 -3.93
C TYR B 15 24.00 3.58 -3.35
N ILE B 16 23.07 3.19 -2.49
CA ILE B 16 23.12 1.87 -1.84
C ILE B 16 22.98 0.78 -2.88
N LEU B 17 22.01 0.93 -3.79
CA LEU B 17 21.76 -0.10 -4.78
C LEU B 17 22.96 -0.25 -5.70
N ILE B 18 23.53 0.86 -6.14
CA ILE B 18 24.71 0.80 -7.02
C ILE B 18 25.85 0.07 -6.31
N ASP B 19 26.15 0.47 -5.06
CA ASP B 19 27.28 -0.19 -4.39
C ASP B 19 26.99 -1.65 -4.11
N LYS B 20 25.73 -1.98 -3.83
CA LYS B 20 25.38 -3.36 -3.53
C LYS B 20 25.79 -4.28 -4.67
N PHE B 21 25.59 -3.86 -5.92
CA PHE B 21 25.85 -4.72 -7.06
C PHE B 21 27.08 -4.35 -7.87
N THR B 22 27.77 -3.26 -7.55
CA THR B 22 28.93 -2.83 -8.30
C THR B 22 30.17 -2.94 -7.43
N ARG B 23 31.26 -3.38 -8.04
CA ARG B 23 32.52 -3.53 -7.32
C ARG B 23 33.68 -3.10 -8.20
N ALA B 24 34.83 -2.96 -7.56
CA ALA B 24 35.98 -2.36 -8.20
C ALA B 24 36.37 -3.13 -9.45
N GLY B 25 36.59 -2.38 -10.54
CA GLY B 25 36.96 -2.94 -11.81
C GLY B 25 35.79 -3.14 -12.76
N ASP B 26 34.57 -3.03 -12.28
CA ASP B 26 33.43 -3.33 -13.13
C ASP B 26 33.26 -2.34 -14.29
N VAL B 27 32.70 -2.86 -15.39
CA VAL B 27 32.24 -2.07 -16.51
C VAL B 27 30.71 -2.05 -16.40
N VAL B 28 30.14 -0.84 -16.36
CA VAL B 28 28.70 -0.64 -16.22
C VAL B 28 28.12 -0.03 -17.49
N LEU B 29 27.03 -0.61 -17.95
CA LEU B 29 26.16 -0.04 -18.98
C LEU B 29 24.92 0.50 -18.28
N GLU B 30 24.70 1.82 -18.37
CA GLU B 30 23.53 2.44 -17.78
C GLU B 30 22.56 2.78 -18.92
N LEU B 31 21.44 2.07 -18.93
CA LEU B 31 20.37 2.33 -19.90
C LEU B 31 19.54 3.53 -19.47
N ALA B 32 19.11 4.33 -20.44
CA ALA B 32 18.24 5.48 -20.19
C ALA B 32 18.84 6.38 -19.11
N CYS B 33 20.13 6.69 -19.27
CA CYS B 33 20.90 7.38 -18.25
C CYS B 33 20.50 8.83 -18.03
N GLY B 34 19.65 9.37 -18.90
CA GLY B 34 19.27 10.77 -18.77
C GLY B 34 20.46 11.68 -18.81
N LYS B 35 20.50 12.62 -17.87
CA LYS B 35 21.53 13.63 -17.80
C LYS B 35 22.78 13.13 -17.09
N GLY B 36 22.86 11.84 -16.79
CA GLY B 36 24.11 11.29 -16.29
C GLY B 36 24.46 11.71 -14.88
N GLY B 37 23.46 11.80 -14.00
CA GLY B 37 23.69 12.32 -12.67
C GLY B 37 24.29 11.36 -11.66
N ASP B 38 24.51 10.08 -12.00
CA ASP B 38 24.96 9.10 -11.02
C ASP B 38 26.45 8.71 -11.17
N LEU B 39 27.23 9.42 -11.99
CA LEU B 39 28.60 9.00 -12.23
C LEU B 39 29.40 8.81 -10.95
N ARG B 40 29.36 9.77 -10.04
CA ARG B 40 30.14 9.67 -8.82
C ARG B 40 29.70 8.51 -7.96
N LYS B 41 28.44 8.07 -8.10
CA LYS B 41 27.99 6.89 -7.35
C LYS B 41 28.69 5.63 -7.86
N TYR B 42 28.80 5.49 -9.18
CA TYR B 42 29.60 4.42 -9.78
C TYR B 42 31.08 4.57 -9.44
N GLY B 43 31.60 5.80 -9.51
CA GLY B 43 33.00 6.02 -9.14
C GLY B 43 33.29 5.57 -7.73
N ALA B 44 32.39 5.88 -6.80
CA ALA B 44 32.60 5.48 -5.41
C ALA B 44 32.67 3.97 -5.27
N ALA B 45 31.99 3.24 -6.15
CA ALA B 45 31.96 1.79 -6.13
C ALA B 45 33.15 1.17 -6.84
N GLY B 46 33.96 1.97 -7.53
CA GLY B 46 35.21 1.52 -8.11
C GLY B 46 35.18 1.10 -9.56
N ILE B 47 34.20 1.56 -10.36
CA ILE B 47 34.14 1.08 -11.74
C ILE B 47 35.39 1.45 -12.53
N SER B 48 35.65 0.69 -13.58
CA SER B 48 36.68 1.00 -14.56
C SER B 48 36.15 1.69 -15.80
N GLN B 49 34.90 1.50 -16.18
CA GLN B 49 34.32 2.17 -17.35
C GLN B 49 32.83 2.29 -17.14
N PHE B 50 32.29 3.44 -17.50
CA PHE B 50 30.87 3.71 -17.52
C PHE B 50 30.46 3.98 -18.96
N ILE B 51 29.38 3.32 -19.39
CA ILE B 51 28.78 3.53 -20.70
C ILE B 51 27.34 3.91 -20.41
N GLY B 52 26.95 5.13 -20.76
CA GLY B 52 25.58 5.59 -20.58
C GLY B 52 24.93 5.85 -21.92
N ILE B 53 23.71 5.37 -22.08
CA ILE B 53 22.95 5.56 -23.32
C ILE B 53 21.59 6.14 -22.97
N ASP B 54 21.15 7.14 -23.72
CA ASP B 54 19.80 7.68 -23.59
C ASP B 54 19.30 8.09 -24.96
N ILE B 55 17.98 7.95 -25.16
CA ILE B 55 17.38 8.28 -26.44
C ILE B 55 17.39 9.78 -26.69
N SER B 56 17.48 10.59 -25.65
CA SER B 56 17.44 12.06 -25.76
C SER B 56 18.83 12.64 -25.96
N ASN B 57 19.05 13.21 -27.15
CA ASN B 57 20.30 13.90 -27.41
C ASN B 57 20.45 15.12 -26.51
N ALA B 58 19.37 15.82 -26.18
CA ALA B 58 19.49 16.94 -25.26
C ALA B 58 20.04 16.48 -23.91
N SER B 59 19.52 15.35 -23.41
CA SER B 59 20.02 14.85 -22.14
C SER B 59 21.48 14.40 -22.22
N ILE B 60 21.84 13.70 -23.30
CA ILE B 60 23.23 13.25 -23.46
C ILE B 60 24.16 14.43 -23.61
N THR B 61 23.74 15.46 -24.35
CA THR B 61 24.55 16.67 -24.43
C THR B 61 24.79 17.27 -23.05
N GLU B 62 23.75 17.32 -22.22
CA GLU B 62 23.93 17.80 -20.85
C GLU B 62 24.82 16.87 -20.03
N ALA B 63 24.64 15.56 -20.19
CA ALA B 63 25.47 14.60 -19.47
C ALA B 63 26.93 14.80 -19.83
N LEU B 64 27.23 15.04 -21.10
CA LEU B 64 28.60 15.27 -21.54
C LEU B 64 29.14 16.58 -20.98
N LYS B 65 28.32 17.64 -20.99
CA LYS B 65 28.73 18.91 -20.40
C LYS B 65 29.12 18.72 -18.94
N ARG B 66 28.31 17.97 -18.18
CA ARG B 66 28.61 17.74 -16.77
C ARG B 66 29.88 16.91 -16.61
N TYR B 67 30.01 15.85 -17.40
CA TYR B 67 31.19 15.00 -17.33
C TYR B 67 32.44 15.81 -17.62
N HIS B 68 32.39 16.67 -18.65
CA HIS B 68 33.58 17.40 -19.06
C HIS B 68 34.01 18.43 -18.02
N SER B 69 33.14 18.78 -17.08
CA SER B 69 33.50 19.69 -15.99
C SER B 69 34.04 18.94 -14.77
N MET B 70 34.32 17.64 -14.89
CA MET B 70 34.90 16.84 -13.82
C MET B 70 36.40 16.64 -14.03
N LYS B 71 37.10 16.22 -12.98
CA LYS B 71 38.56 15.90 -13.09
C LYS B 71 38.75 14.72 -14.10
N ASN B 72 39.99 14.52 -14.55
CA ASN B 72 40.85 13.35 -14.19
C ASN B 72 40.18 12.28 -13.31
N LEU B 73 39.13 11.63 -13.81
CA LEU B 73 38.46 10.52 -13.08
C LEU B 73 39.33 9.26 -13.18
N GLU B 74 39.16 8.28 -12.29
CA GLU B 74 39.85 7.00 -12.39
C GLU B 74 39.19 6.04 -13.36
N TYR B 75 38.13 6.46 -14.05
CA TYR B 75 37.40 5.58 -14.93
C TYR B 75 37.05 6.32 -16.21
N GLN B 76 36.89 5.56 -17.28
CA GLN B 76 36.49 6.09 -18.57
C GLN B 76 34.97 6.25 -18.61
N VAL B 77 34.51 7.27 -19.33
CA VAL B 77 33.09 7.61 -19.45
C VAL B 77 32.76 7.73 -20.93
N ILE B 78 31.78 6.97 -21.37
CA ILE B 78 31.27 6.98 -22.74
C ILE B 78 29.79 7.28 -22.62
N LEU B 79 29.32 8.30 -23.34
CA LEU B 79 27.94 8.76 -23.29
C LEU B 79 27.40 8.81 -24.71
N ILE B 80 26.27 8.16 -24.96
CA ILE B 80 25.80 7.83 -26.30
C ILE B 80 24.32 8.17 -26.40
N THR B 81 23.92 8.80 -27.48
CA THR B 81 22.52 8.96 -27.82
C THR B 81 22.07 7.73 -28.59
N GLY B 82 21.06 7.04 -28.07
CA GLY B 82 20.56 5.87 -28.74
C GLY B 82 19.33 5.30 -28.04
N ASP B 83 18.66 4.43 -28.78
CA ASP B 83 17.47 3.71 -28.29
C ASP B 83 17.94 2.43 -27.61
N CYS B 84 17.69 2.32 -26.33
CA CYS B 84 18.11 1.18 -25.49
C CYS B 84 17.05 0.10 -25.43
N PHE B 85 15.84 0.38 -25.86
CA PHE B 85 14.71 -0.56 -25.64
C PHE B 85 14.12 -1.08 -26.92
N GLY B 86 13.93 -0.25 -27.94
CA GLY B 86 13.24 -0.65 -29.14
C GLY B 86 14.11 -1.04 -30.31
N GLU B 87 15.42 -0.95 -30.16
CA GLU B 87 16.36 -1.33 -31.19
C GLU B 87 17.48 -2.13 -30.54
N SER B 88 18.11 -3.00 -31.31
CA SER B 88 19.30 -3.68 -30.82
CA SER B 88 19.30 -3.68 -30.81
C SER B 88 20.32 -2.65 -30.37
N LEU B 89 21.03 -2.96 -29.30
CA LEU B 89 22.00 -2.03 -28.77
C LEU B 89 23.20 -1.86 -29.72
N GLY B 90 23.47 -2.85 -30.57
CA GLY B 90 24.57 -2.72 -31.51
C GLY B 90 24.44 -1.49 -32.39
N VAL B 91 23.21 -1.07 -32.66
CA VAL B 91 23.00 0.15 -33.42
C VAL B 91 23.64 1.34 -32.70
N ALA B 92 23.36 1.47 -31.41
CA ALA B 92 23.83 2.64 -30.67
C ALA B 92 25.34 2.62 -30.46
N VAL B 93 25.92 1.44 -30.19
CA VAL B 93 27.30 1.35 -29.72
C VAL B 93 28.28 1.09 -30.85
N GLU B 94 27.81 0.90 -32.09
CA GLU B 94 28.70 0.57 -33.21
C GLU B 94 29.80 1.61 -33.39
N SER B 95 29.46 2.88 -33.24
CA SER B 95 30.42 3.96 -33.45
C SER B 95 31.26 4.26 -32.23
N PHE B 96 31.13 3.46 -31.18
CA PHE B 96 31.87 3.63 -29.93
C PHE B 96 32.64 2.35 -29.62
N PRO B 97 33.66 2.02 -30.41
CA PRO B 97 34.37 0.74 -30.21
C PRO B 97 35.11 0.65 -28.90
N GLU B 98 35.32 1.77 -28.19
CA GLU B 98 35.98 1.68 -26.90
C GLU B 98 35.10 1.04 -25.82
N CYS B 99 33.80 0.87 -26.06
CA CYS B 99 32.98 0.19 -25.07
C CYS B 99 33.53 -1.21 -24.83
N ARG B 100 33.58 -1.61 -23.57
CA ARG B 100 34.10 -2.93 -23.19
CA ARG B 100 34.10 -2.93 -23.19
C ARG B 100 32.92 -3.86 -22.91
N PHE B 101 32.44 -4.50 -23.97
CA PHE B 101 31.42 -5.52 -23.89
C PHE B 101 32.01 -6.92 -24.09
N PRO B 102 31.48 -7.92 -23.41
CA PRO B 102 30.37 -7.84 -22.45
C PRO B 102 30.78 -7.13 -21.16
N CYS B 103 29.79 -6.55 -20.49
CA CYS B 103 30.02 -5.78 -19.29
C CYS B 103 29.60 -6.58 -18.07
N ASP B 104 29.90 -6.01 -16.89
CA ASP B 104 29.63 -6.69 -15.63
C ASP B 104 28.27 -6.38 -15.07
N ILE B 105 27.77 -5.18 -15.33
CA ILE B 105 26.55 -4.64 -14.73
C ILE B 105 25.78 -3.89 -15.80
N VAL B 106 24.45 -4.02 -15.78
CA VAL B 106 23.54 -3.13 -16.51
C VAL B 106 22.62 -2.51 -15.47
N SER B 107 22.53 -1.19 -15.47
CA SER B 107 21.65 -0.49 -14.54
CA SER B 107 21.68 -0.46 -14.55
C SER B 107 20.65 0.35 -15.32
N CYS B 108 19.51 0.60 -14.70
CA CYS B 108 18.51 1.48 -15.34
C CYS B 108 17.64 2.08 -14.25
N GLN B 109 17.72 3.39 -14.07
CA GLN B 109 17.03 4.07 -12.98
C GLN B 109 15.84 4.85 -13.51
N PHE B 110 14.67 4.58 -12.93
CA PHE B 110 13.46 5.36 -13.18
C PHE B 110 13.13 5.42 -14.66
N ALA B 111 13.31 4.30 -15.36
CA ALA B 111 13.10 4.33 -16.80
C ALA B 111 12.69 3.03 -17.46
N LEU B 112 12.91 1.89 -16.81
CA LEU B 112 12.73 0.64 -17.53
C LEU B 112 11.28 0.43 -17.96
N HIS B 113 10.35 1.03 -17.24
CA HIS B 113 8.93 0.92 -17.61
C HIS B 113 8.62 1.48 -18.98
N TYR B 114 9.46 2.36 -19.51
CA TYR B 114 9.26 2.78 -20.89
C TYR B 114 9.35 1.60 -21.86
N ALA B 115 10.13 0.59 -21.53
CA ALA B 115 10.25 -0.59 -22.39
C ALA B 115 8.98 -1.41 -22.40
N PHE B 116 8.06 -1.17 -21.45
CA PHE B 116 6.81 -1.92 -21.40
C PHE B 116 5.71 -1.27 -22.22
N GLU B 117 6.06 -0.32 -23.08
CA GLU B 117 5.11 0.22 -24.04
C GLU B 117 4.43 -0.88 -24.85
N THR B 118 5.20 -1.89 -25.27
CA THR B 118 4.67 -3.03 -26.00
C THR B 118 5.49 -4.24 -25.57
N GLU B 119 4.95 -5.44 -25.84
CA GLU B 119 5.71 -6.67 -25.58
C GLU B 119 6.97 -6.71 -26.43
N GLU B 120 6.87 -6.28 -27.69
CA GLU B 120 8.04 -6.30 -28.57
C GLU B 120 9.17 -5.48 -27.97
N LYS B 121 8.85 -4.31 -27.43
CA LYS B 121 9.89 -3.48 -26.82
C LYS B 121 10.43 -4.09 -25.54
N ALA B 122 9.56 -4.67 -24.71
CA ALA B 122 10.05 -5.27 -23.48
C ALA B 122 11.02 -6.40 -23.78
N ARG B 123 10.71 -7.21 -24.82
CA ARG B 123 11.58 -8.31 -25.21
C ARG B 123 12.86 -7.80 -25.86
N ARG B 124 12.78 -6.74 -26.65
CA ARG B 124 13.99 -6.20 -27.26
C ARG B 124 14.92 -5.64 -26.17
N MET B 125 14.34 -4.99 -25.16
CA MET B 125 15.12 -4.52 -24.03
C MET B 125 15.82 -5.66 -23.33
N LEU B 126 15.08 -6.74 -23.04
CA LEU B 126 15.68 -7.84 -22.29
C LEU B 126 16.76 -8.53 -23.09
N LEU B 127 16.55 -8.68 -24.40
CA LEU B 127 17.59 -9.26 -25.25
C LEU B 127 18.83 -8.38 -25.27
N ASN B 128 18.64 -7.06 -25.31
CA ASN B 128 19.76 -6.14 -25.21
C ASN B 128 20.54 -6.35 -23.91
N VAL B 129 19.82 -6.50 -22.80
CA VAL B 129 20.48 -6.65 -21.51
C VAL B 129 21.29 -7.92 -21.47
N VAL B 130 20.69 -9.05 -21.81
CA VAL B 130 21.40 -10.32 -21.62
CA VAL B 130 21.40 -10.32 -21.62
C VAL B 130 22.59 -10.43 -22.56
N LYS B 131 22.44 -9.94 -23.79
CA LYS B 131 23.56 -10.01 -24.73
C LYS B 131 24.71 -9.11 -24.28
N SER B 132 24.40 -8.04 -23.55
CA SER B 132 25.41 -7.12 -23.07
CA SER B 132 25.43 -7.12 -23.08
C SER B 132 26.20 -7.67 -21.89
N LEU B 133 25.59 -8.55 -21.10
CA LEU B 133 26.18 -8.98 -19.83
C LEU B 133 27.00 -10.25 -19.92
N LYS B 134 28.02 -10.33 -19.07
CA LYS B 134 28.70 -11.58 -18.81
C LYS B 134 27.78 -12.51 -18.02
N ILE B 135 27.97 -13.83 -18.23
CA ILE B 135 27.32 -14.78 -17.32
C ILE B 135 27.77 -14.45 -15.92
N GLY B 136 26.82 -14.41 -15.00
CA GLY B 136 27.06 -14.00 -13.64
C GLY B 136 26.88 -12.52 -13.38
N GLY B 137 26.74 -11.73 -14.43
CA GLY B 137 26.55 -10.30 -14.26
C GLY B 137 25.17 -9.94 -13.75
N TYR B 138 25.03 -8.70 -13.29
CA TYR B 138 23.79 -8.26 -12.66
C TYR B 138 23.14 -7.13 -13.46
N PHE B 139 21.81 -7.13 -13.44
CA PHE B 139 20.95 -6.11 -14.03
C PHE B 139 20.10 -5.56 -12.91
N PHE B 140 20.17 -4.26 -12.64
CA PHE B 140 19.48 -3.72 -11.49
C PHE B 140 18.96 -2.32 -11.78
N GLY B 141 18.04 -1.86 -10.94
CA GLY B 141 17.50 -0.54 -11.12
C GLY B 141 16.31 -0.28 -10.23
N THR B 142 15.56 0.73 -10.63
CA THR B 142 14.48 1.29 -9.84
C THR B 142 13.30 1.56 -10.76
N ILE B 143 12.12 1.08 -10.37
CA ILE B 143 10.92 1.18 -11.21
C ILE B 143 9.71 1.48 -10.35
N PRO B 144 8.66 2.05 -10.93
CA PRO B 144 7.39 2.12 -10.21
C PRO B 144 6.96 0.71 -9.84
N ASP B 145 6.40 0.58 -8.65
CA ASP B 145 6.03 -0.71 -8.07
C ASP B 145 4.60 -1.08 -8.47
N SER B 146 4.49 -2.03 -9.41
CA SER B 146 3.18 -2.46 -9.87
C SER B 146 2.34 -3.01 -8.74
N GLU B 147 2.95 -3.54 -7.68
CA GLU B 147 2.15 -4.07 -6.58
C GLU B 147 1.49 -2.95 -5.78
N PHE B 148 2.17 -1.82 -5.61
CA PHE B 148 1.56 -0.66 -4.97
C PHE B 148 0.49 -0.05 -5.87
N ILE B 149 0.77 0.04 -7.17
CA ILE B 149 -0.22 0.52 -8.13
C ILE B 149 -1.48 -0.34 -8.05
N ARG B 150 -1.34 -1.67 -7.99
CA ARG B 150 -2.52 -2.53 -7.93
C ARG B 150 -3.31 -2.30 -6.65
N TYR B 151 -2.62 -2.14 -5.51
CA TYR B 151 -3.31 -1.82 -4.27
C TYR B 151 -4.17 -0.58 -4.45
N LYS B 152 -3.58 0.49 -4.97
CA LYS B 152 -4.33 1.74 -5.14
C LYS B 152 -5.50 1.54 -6.10
N MET B 153 -5.27 0.82 -7.20
CA MET B 153 -6.30 0.63 -8.22
C MET B 153 -7.44 -0.22 -7.68
N ASN B 154 -7.16 -1.15 -6.77
CA ASN B 154 -8.19 -1.99 -6.19
C ASN B 154 -9.10 -1.21 -5.25
N LYS B 155 -8.70 -0.03 -4.82
CA LYS B 155 -9.52 0.85 -4.00
C LYS B 155 -10.36 1.83 -4.81
N ILE B 156 -10.30 1.78 -6.14
CA ILE B 156 -10.99 2.73 -7.01
C ILE B 156 -12.12 1.99 -7.70
N PRO B 157 -13.36 2.42 -7.54
CA PRO B 157 -14.47 1.70 -8.17
C PRO B 157 -14.50 1.87 -9.68
N GLU B 158 -15.14 0.88 -10.32
CA GLU B 158 -15.22 0.83 -11.77
C GLU B 158 -15.95 2.02 -12.37
N SER B 159 -16.74 2.75 -11.58
CA SER B 159 -17.42 3.93 -12.08
C SER B 159 -16.47 5.06 -12.45
N VAL B 160 -15.24 5.04 -11.95
CA VAL B 160 -14.27 6.11 -12.23
C VAL B 160 -13.64 5.83 -13.58
N GLU B 161 -13.84 6.76 -14.53
CA GLU B 161 -13.38 6.54 -15.90
C GLU B 161 -11.85 6.62 -15.99
N LYS B 162 -11.22 7.51 -15.22
CA LYS B 162 -9.77 7.72 -15.25
CA LYS B 162 -9.77 7.70 -15.25
C LYS B 162 -9.23 7.54 -13.83
N PRO B 163 -9.05 6.29 -13.39
CA PRO B 163 -8.58 6.05 -12.02
C PRO B 163 -7.40 6.92 -11.64
N SER B 164 -7.48 7.56 -10.49
CA SER B 164 -6.46 8.51 -10.08
C SER B 164 -6.30 8.55 -8.56
N TRP B 165 -5.05 8.80 -8.15
CA TRP B 165 -4.73 9.06 -6.77
C TRP B 165 -3.51 9.97 -6.71
N GLY B 166 -3.27 10.52 -5.54
CA GLY B 166 -2.11 11.37 -5.34
C GLY B 166 -2.20 12.18 -4.06
N ASN B 167 -1.33 13.17 -3.97
CA ASN B 167 -1.26 14.06 -2.82
C ASN B 167 -0.70 15.39 -3.29
N SER B 168 -0.28 16.23 -2.35
CA SER B 168 0.12 17.58 -2.74
C SER B 168 1.36 17.63 -3.62
N ILE B 169 2.14 16.56 -3.75
CA ILE B 169 3.35 16.61 -4.58
C ILE B 169 3.36 15.62 -5.73
N TYR B 170 2.37 14.74 -5.85
CA TYR B 170 2.38 13.79 -6.95
C TYR B 170 0.96 13.36 -7.30
N LYS B 171 0.81 12.86 -8.52
CA LYS B 171 -0.48 12.37 -8.98
C LYS B 171 -0.28 11.32 -10.06
N VAL B 172 -1.12 10.28 -10.01
CA VAL B 172 -1.22 9.23 -11.01
C VAL B 172 -2.62 9.27 -11.58
N THR B 173 -2.74 9.30 -12.92
CA THR B 173 -4.07 9.30 -13.55
C THR B 173 -4.05 8.29 -14.68
N PHE B 174 -4.76 7.19 -14.54
CA PHE B 174 -4.80 6.20 -15.60
C PHE B 174 -5.61 6.69 -16.79
N SER B 175 -5.15 6.29 -17.98
CA SER B 175 -5.81 6.68 -19.22
C SER B 175 -7.19 6.08 -19.31
N ASN B 176 -7.39 4.89 -18.73
CA ASN B 176 -8.66 4.21 -18.80
C ASN B 176 -8.84 3.34 -17.55
N ASN B 177 -10.05 2.80 -17.39
CA ASN B 177 -10.42 1.94 -16.28
C ASN B 177 -10.60 0.48 -16.71
N GLU B 178 -9.84 0.06 -17.73
CA GLU B 178 -9.92 -1.34 -18.18
C GLU B 178 -9.49 -2.31 -17.08
N TYR B 179 -8.57 -1.90 -16.20
CA TYR B 179 -8.21 -2.71 -15.04
C TYR B 179 -9.44 -3.07 -14.21
N GLN B 180 -10.18 -2.04 -13.80
CA GLN B 180 -11.36 -2.26 -12.96
C GLN B 180 -12.46 -3.02 -13.72
N LYS B 181 -12.61 -2.76 -15.01
CA LYS B 181 -13.62 -3.46 -15.81
C LYS B 181 -13.27 -4.92 -16.02
N ASN B 182 -11.99 -5.27 -15.91
CA ASN B 182 -11.50 -6.63 -16.12
C ASN B 182 -11.28 -7.36 -14.79
N GLY B 183 -12.13 -7.12 -13.80
CA GLY B 183 -11.99 -7.77 -12.51
C GLY B 183 -10.75 -7.37 -11.74
N ASN B 184 -10.34 -6.11 -11.83
CA ASN B 184 -9.16 -5.61 -11.13
C ASN B 184 -7.91 -6.35 -11.58
N GLU B 185 -7.70 -6.34 -12.91
CA GLU B 185 -6.56 -6.98 -13.54
C GLU B 185 -6.29 -6.27 -14.87
N PHE B 186 -5.04 -5.98 -15.16
CA PHE B 186 -4.79 -5.32 -16.42
C PHE B 186 -5.08 -6.28 -17.58
N PRO B 187 -5.65 -5.77 -18.68
CA PRO B 187 -6.00 -6.67 -19.79
C PRO B 187 -4.80 -7.21 -20.54
N SER B 188 -3.66 -6.52 -20.43
CA SER B 188 -2.38 -6.90 -20.99
C SER B 188 -1.32 -6.37 -20.05
N PRO B 189 -0.17 -7.03 -19.95
CA PRO B 189 0.91 -6.44 -19.15
C PRO B 189 1.51 -5.19 -19.77
N PHE B 190 1.26 -4.93 -21.05
CA PHE B 190 2.01 -3.92 -21.78
C PHE B 190 1.11 -2.77 -22.20
N GLY B 191 1.70 -1.59 -22.30
CA GLY B 191 0.96 -0.45 -22.80
C GLY B 191 -0.09 0.09 -21.87
N GLN B 192 -0.03 -0.22 -20.58
CA GLN B 192 -1.06 0.24 -19.65
C GLN B 192 -0.59 1.60 -19.15
N MET B 193 -1.15 2.67 -19.72
CA MET B 193 -0.62 4.00 -19.53
C MET B 193 -1.32 4.79 -18.42
N TYR B 194 -0.53 5.54 -17.67
CA TYR B 194 -1.00 6.54 -16.73
C TYR B 194 -0.17 7.80 -16.89
N THR B 195 -0.80 8.93 -16.63
CA THR B 195 -0.12 10.22 -16.60
C THR B 195 0.43 10.43 -15.20
N PHE B 196 1.70 10.80 -15.12
CA PHE B 196 2.41 10.93 -13.85
C PHE B 196 2.88 12.36 -13.64
N TRP B 197 2.50 12.95 -12.53
CA TRP B 197 2.96 14.25 -12.10
C TRP B 197 3.75 14.07 -10.81
N LEU B 198 4.93 14.66 -10.76
CA LEU B 198 5.72 14.79 -9.53
C LEU B 198 6.25 16.20 -9.50
N GLU B 199 5.94 16.92 -8.42
CA GLU B 199 6.30 18.33 -8.29
CA GLU B 199 6.31 18.32 -8.27
C GLU B 199 7.73 18.60 -8.74
N ASP B 200 7.87 19.57 -9.64
CA ASP B 200 9.18 20.05 -10.06
C ASP B 200 10.08 18.96 -10.58
N ALA B 201 9.52 17.86 -11.07
CA ALA B 201 10.30 16.71 -11.50
C ALA B 201 9.75 16.08 -12.78
N ILE B 202 8.47 15.73 -12.80
CA ILE B 202 7.86 15.04 -13.94
CA ILE B 202 7.86 15.04 -13.94
C ILE B 202 6.56 15.77 -14.28
N ASP B 203 6.53 16.38 -15.46
CA ASP B 203 5.44 17.27 -15.84
C ASP B 203 4.35 16.51 -16.59
N ASN B 204 3.61 15.69 -15.85
CA ASN B 204 2.39 15.06 -16.39
C ASN B 204 2.68 14.14 -17.58
N VAL B 205 3.70 13.32 -17.42
CA VAL B 205 4.25 12.50 -18.49
C VAL B 205 3.54 11.15 -18.56
N PRO B 206 3.19 10.67 -19.76
CA PRO B 206 2.62 9.33 -19.88
C PRO B 206 3.66 8.27 -19.57
N GLU B 207 3.27 7.33 -18.70
CA GLU B 207 4.15 6.24 -18.26
C GLU B 207 3.40 4.92 -18.43
N TYR B 208 4.12 3.81 -18.47
CA TYR B 208 3.51 2.48 -18.57
C TYR B 208 3.77 1.70 -17.30
N VAL B 209 2.78 0.91 -16.89
CA VAL B 209 2.98 -0.03 -15.79
C VAL B 209 4.02 -1.06 -16.22
N ILE B 210 4.82 -1.51 -15.26
CA ILE B 210 5.74 -2.63 -15.48
C ILE B 210 5.33 -3.72 -14.48
N PRO B 211 4.39 -4.57 -14.85
CA PRO B 211 3.90 -5.58 -13.90
C PRO B 211 5.03 -6.52 -13.51
N PHE B 212 5.30 -6.62 -12.20
CA PHE B 212 6.53 -7.30 -11.82
C PHE B 212 6.50 -8.77 -12.20
N GLU B 213 5.35 -9.43 -12.09
CA GLU B 213 5.28 -10.84 -12.44
C GLU B 213 5.64 -11.08 -13.91
N SER B 214 5.18 -10.20 -14.80
CA SER B 214 5.53 -10.34 -16.21
CA SER B 214 5.52 -10.33 -16.22
C SER B 214 7.00 -10.02 -16.46
N PHE B 215 7.51 -8.99 -15.81
CA PHE B 215 8.93 -8.66 -15.91
C PHE B 215 9.78 -9.83 -15.48
N ARG B 216 9.46 -10.42 -14.33
CA ARG B 216 10.24 -11.53 -13.83
C ARG B 216 10.16 -12.74 -14.77
N SER B 217 8.94 -13.08 -15.22
N SER B 217 8.96 -13.06 -15.27
CA SER B 217 8.77 -14.22 -16.12
CA SER B 217 8.84 -14.25 -16.10
C SER B 217 9.56 -14.01 -17.40
C SER B 217 9.50 -14.04 -17.46
N LEU B 218 9.41 -12.83 -18.01
CA LEU B 218 10.17 -12.55 -19.22
C LEU B 218 11.67 -12.62 -18.96
N ALA B 219 12.14 -12.03 -17.87
CA ALA B 219 13.57 -12.06 -17.58
C ALA B 219 14.08 -13.49 -17.50
N ASP B 220 13.29 -14.38 -16.91
CA ASP B 220 13.69 -15.77 -16.81
C ASP B 220 13.80 -16.41 -18.18
N GLU B 221 12.90 -16.06 -19.09
CA GLU B 221 12.97 -16.58 -20.44
C GLU B 221 14.28 -16.20 -21.11
N TYR B 222 14.82 -15.04 -20.78
CA TYR B 222 16.09 -14.57 -21.34
C TYR B 222 17.30 -14.93 -20.49
N GLY B 223 17.14 -15.81 -19.50
CA GLY B 223 18.27 -16.33 -18.74
C GLY B 223 18.64 -15.55 -17.51
N MET B 224 17.77 -14.68 -17.03
CA MET B 224 18.03 -13.88 -15.84
CA MET B 224 18.02 -13.86 -15.85
C MET B 224 17.10 -14.27 -14.71
N GLU B 225 17.67 -14.49 -13.54
CA GLU B 225 16.94 -14.95 -12.38
CA GLU B 225 16.95 -14.95 -12.37
C GLU B 225 16.89 -13.85 -11.31
N LEU B 226 15.82 -13.87 -10.53
CA LEU B 226 15.58 -12.79 -9.60
C LEU B 226 16.61 -12.72 -8.48
N GLU B 227 17.08 -11.51 -8.22
CA GLU B 227 17.98 -11.21 -7.12
C GLU B 227 17.35 -10.33 -6.06
N LEU B 228 16.49 -9.38 -6.46
CA LEU B 228 16.01 -8.38 -5.53
C LEU B 228 14.70 -7.78 -6.06
N GLN B 229 13.74 -7.57 -5.16
CA GLN B 229 12.50 -6.90 -5.52
C GLN B 229 11.97 -6.06 -4.36
N LYS B 230 12.79 -5.62 -3.44
CA LYS B 230 12.30 -4.89 -2.27
C LYS B 230 11.85 -3.48 -2.63
N GLY B 231 10.66 -3.11 -2.16
CA GLY B 231 10.23 -1.73 -2.24
C GLY B 231 11.21 -0.79 -1.57
N PHE B 232 11.18 0.49 -2.01
CA PHE B 232 12.13 1.43 -1.45
C PHE B 232 12.06 1.49 0.07
N ASN B 233 10.86 1.44 0.64
CA ASN B 233 10.74 1.50 2.09
C ASN B 233 11.50 0.38 2.79
N GLU B 234 11.24 -0.86 2.40
CA GLU B 234 11.89 -1.99 3.04
C GLU B 234 13.38 -2.01 2.73
N PHE B 235 13.75 -1.68 1.50
CA PHE B 235 15.17 -1.66 1.14
C PHE B 235 15.93 -0.68 2.02
N PHE B 236 15.39 0.53 2.20
CA PHE B 236 16.05 1.53 3.03
C PHE B 236 16.10 1.11 4.49
N VAL B 237 14.99 0.57 5.00
CA VAL B 237 14.99 0.15 6.39
C VAL B 237 16.05 -0.91 6.64
N GLU B 238 16.17 -1.87 5.72
CA GLU B 238 17.12 -2.95 5.90
C GLU B 238 18.55 -2.48 5.77
N GLU B 239 18.82 -1.53 4.86
CA GLU B 239 20.18 -1.14 4.52
C GLU B 239 20.70 0.02 5.36
N ILE B 240 19.83 0.85 5.93
CA ILE B 240 20.29 2.05 6.62
C ILE B 240 21.23 1.76 7.79
N PRO B 241 21.07 0.69 8.56
CA PRO B 241 22.06 0.45 9.63
C PRO B 241 23.46 0.27 9.09
N ASN B 242 23.61 -0.38 7.93
CA ASN B 242 24.92 -0.63 7.35
C ASN B 242 25.46 0.60 6.64
N TRP B 243 24.58 1.59 6.39
CA TRP B 243 24.88 2.71 5.52
C TRP B 243 24.97 4.06 6.19
N VAL B 244 24.36 4.24 7.38
CA VAL B 244 24.37 5.58 7.98
C VAL B 244 25.78 6.15 7.99
N ASN B 245 26.76 5.34 8.37
CA ASN B 245 28.13 5.80 8.54
C ASN B 245 28.94 5.80 7.25
N ARG B 246 28.44 5.19 6.18
CA ARG B 246 29.11 5.20 4.89
C ARG B 246 28.74 6.40 4.04
N PHE B 247 27.56 6.98 4.26
CA PHE B 247 27.15 8.15 3.51
C PHE B 247 28.08 9.32 3.75
N SER B 248 28.18 10.20 2.76
CA SER B 248 28.81 11.49 2.97
C SER B 248 28.07 12.24 4.07
N PRO B 249 28.73 13.18 4.75
CA PRO B 249 28.02 13.99 5.76
C PRO B 249 26.79 14.67 5.21
N LYS B 250 26.87 15.19 3.98
CA LYS B 250 25.74 15.88 3.38
C LYS B 250 24.57 14.95 3.15
N MET B 251 24.84 13.75 2.60
CA MET B 251 23.75 12.81 2.33
C MET B 251 23.10 12.34 3.63
N ARG B 252 23.91 12.04 4.64
CA ARG B 252 23.38 11.54 5.90
C ARG B 252 22.50 12.57 6.57
N GLU B 253 22.94 13.82 6.64
CA GLU B 253 22.14 14.85 7.28
C GLU B 253 20.87 15.13 6.50
N GLY B 254 20.96 15.06 5.17
CA GLY B 254 19.79 15.28 4.32
C GLY B 254 18.72 14.23 4.44
N LEU B 255 19.01 13.09 5.10
CA LEU B 255 18.07 12.02 5.35
C LEU B 255 17.45 12.06 6.74
N LYS B 256 17.80 13.04 7.58
CA LYS B 256 17.27 13.08 8.94
C LYS B 256 15.86 13.64 8.95
N ARG B 257 14.95 12.91 9.61
CA ARG B 257 13.55 13.28 9.69
C ARG B 257 13.27 14.12 10.93
N SER B 258 12.06 14.69 10.99
CA SER B 258 11.67 15.45 12.16
C SER B 258 11.76 14.61 13.44
N ASP B 259 11.33 13.35 13.36
CA ASP B 259 11.40 12.50 14.55
C ASP B 259 12.84 12.05 14.89
N GLY B 260 13.86 12.53 14.17
CA GLY B 260 15.24 12.24 14.51
C GLY B 260 15.90 11.18 13.65
N ARG B 261 15.16 10.12 13.32
CA ARG B 261 15.73 8.98 12.60
C ARG B 261 15.88 9.30 11.12
N TYR B 262 16.22 8.30 10.32
CA TYR B 262 16.60 8.50 8.93
C TYR B 262 15.52 8.00 7.98
N GLY B 263 15.35 8.72 6.87
CA GLY B 263 14.41 8.33 5.85
C GLY B 263 13.54 9.50 5.41
N VAL B 264 12.26 9.24 5.17
CA VAL B 264 11.32 10.26 4.76
C VAL B 264 10.08 10.20 5.64
N GLU B 265 9.47 11.36 5.85
CA GLU B 265 8.17 11.43 6.50
C GLU B 265 7.42 12.62 5.93
N GLY B 266 6.11 12.60 6.10
CA GLY B 266 5.27 13.64 5.56
C GLY B 266 4.73 13.27 4.19
N VAL B 267 4.34 14.30 3.45
CA VAL B 267 3.69 14.08 2.18
C VAL B 267 4.58 13.32 1.21
N GLU B 268 5.91 13.45 1.35
CA GLU B 268 6.78 12.78 0.40
C GLU B 268 6.86 11.27 0.61
N LYS B 269 6.39 10.75 1.75
CA LYS B 269 6.60 9.34 2.07
C LYS B 269 5.99 8.41 1.01
N GLU B 270 4.75 8.68 0.59
CA GLU B 270 4.13 7.79 -0.38
C GLU B 270 4.87 7.77 -1.71
N PRO B 271 5.13 8.90 -2.36
CA PRO B 271 5.85 8.82 -3.65
C PRO B 271 7.30 8.41 -3.51
N ALA B 272 7.95 8.74 -2.38
CA ALA B 272 9.37 8.44 -2.23
C ALA B 272 9.60 6.98 -1.86
N ALA B 273 8.77 6.41 -0.98
CA ALA B 273 9.06 5.13 -0.34
C ALA B 273 8.09 4.00 -0.68
N TYR B 274 6.86 4.31 -1.12
CA TYR B 274 5.93 3.25 -1.50
C TYR B 274 5.77 3.10 -3.01
N PHE B 275 5.79 4.19 -3.76
CA PHE B 275 5.47 4.10 -5.18
C PHE B 275 6.55 3.37 -5.98
N TYR B 276 7.79 3.35 -5.48
CA TYR B 276 8.90 2.79 -6.24
C TYR B 276 9.47 1.55 -5.55
N THR B 277 10.01 0.66 -6.38
CA THR B 277 10.69 -0.55 -5.93
C THR B 277 12.07 -0.66 -6.59
N THR B 278 12.96 -1.33 -5.88
CA THR B 278 14.20 -1.79 -6.49
C THR B 278 13.89 -3.04 -7.30
N PHE B 279 14.82 -3.36 -8.21
CA PHE B 279 14.82 -4.65 -8.86
C PHE B 279 16.27 -5.05 -9.12
N ALA B 280 16.51 -6.36 -9.12
CA ALA B 280 17.79 -6.84 -9.65
C ALA B 280 17.60 -8.27 -10.10
N PHE B 281 18.36 -8.64 -11.12
CA PHE B 281 18.41 -9.99 -11.66
C PHE B 281 19.87 -10.33 -11.90
N ARG B 282 20.16 -11.63 -11.99
CA ARG B 282 21.49 -12.12 -12.33
C ARG B 282 21.39 -12.95 -13.61
N LYS B 283 22.31 -12.72 -14.55
CA LYS B 283 22.37 -13.56 -15.75
C LYS B 283 23.01 -14.88 -15.38
N VAL B 284 22.26 -15.97 -15.47
CA VAL B 284 22.78 -17.26 -15.04
C VAL B 284 23.15 -18.17 -16.19
N ARG B 285 22.74 -17.86 -17.42
CA ARG B 285 23.01 -18.70 -18.57
C ARG B 285 22.95 -17.80 -19.80
N ASP B 286 23.68 -18.19 -20.84
CA ASP B 286 23.60 -17.47 -22.10
CA ASP B 286 23.60 -17.47 -22.10
C ASP B 286 22.23 -17.70 -22.74
N TYR B 287 21.78 -16.80 -23.60
CA TYR B 287 20.51 -16.92 -24.33
C TYR B 287 20.78 -17.28 -25.80
N GLN B 288 20.00 -18.25 -26.26
CA GLN B 288 19.82 -18.75 -27.65
C GLN B 288 21.15 -19.33 -28.15
N SAH C . -15.14 -2.39 18.75
CA SAH C . -14.16 -2.33 19.85
CB SAH C . -13.43 -3.68 20.06
CG SAH C . -12.45 -4.06 18.97
SD SAH C . -11.37 -5.44 19.50
C SAH C . -13.16 -1.20 19.69
O SAH C . -12.40 -0.93 20.62
OXT SAH C . -13.16 -0.64 18.58
C5' SAH C . -12.29 -6.90 18.95
C4' SAH C . -13.59 -7.13 19.73
O4' SAH C . -14.28 -8.25 19.14
C3' SAH C . -13.40 -7.48 21.22
O3' SAH C . -14.13 -6.59 22.05
C2' SAH C . -13.85 -8.94 21.26
O2' SAH C . -14.31 -9.39 22.51
C1' SAH C . -14.92 -8.99 20.15
N9 SAH C . -15.31 -10.26 19.63
C8 SAH C . -14.51 -11.25 19.13
N7 SAH C . -15.19 -12.26 18.69
C5 SAH C . -16.50 -11.96 18.92
C6 SAH C . -17.70 -12.63 18.70
N6 SAH C . -17.77 -13.84 18.15
N1 SAH C . -18.85 -12.00 19.03
C2 SAH C . -18.76 -10.80 19.60
N3 SAH C . -17.70 -10.08 19.88
C4 SAH C . -16.57 -10.72 19.52
HN1 SAH C . -15.80 -2.92 19.01
HN2 SAH C . -15.48 -1.57 18.62
HA SAH C . -14.66 -2.16 20.66
HB1 SAH C . -14.10 -4.37 20.15
HB2 SAH C . -12.94 -3.64 20.90
HG1 SAH C . -11.91 -3.30 18.73
HG2 SAH C . -12.95 -4.33 18.17
H5'1 SAH C . -11.72 -7.68 19.04
H5'2 SAH C . -12.49 -6.79 18.00
H4' SAH C . -14.15 -6.34 19.64
H3' SAH C . -12.46 -7.41 21.47
HO3' SAH C . -14.94 -6.58 21.80
H2' SAH C . -13.06 -9.44 21.00
HO2' SAH C . -14.17 -8.76 23.07
H1' SAH C . -15.76 -8.64 20.49
H8 SAH C . -13.58 -11.16 19.11
HN61 SAH C . -17.07 -14.34 18.10
HN62 SAH C . -18.51 -14.15 17.81
H2 SAH C . -19.57 -10.42 19.85
C1 EDO D . -6.16 -0.94 16.70
O1 EDO D . -6.40 -0.21 17.88
C2 EDO D . -7.49 -1.35 16.13
O2 EDO D . -8.48 -1.17 17.13
H11 EDO D . -5.68 -0.41 16.04
H12 EDO D . -5.62 -1.73 16.87
HO1 EDO D . -5.66 -0.12 18.29
H21 EDO D . -7.66 -0.83 15.33
H22 EDO D . -7.43 -2.28 15.85
HO2 EDO D . -9.03 -1.80 17.08
C1 EDO E . 5.97 -1.62 7.99
O1 EDO E . 6.02 -0.23 8.09
C2 EDO E . 6.08 -2.09 6.58
O2 EDO E . 7.25 -2.82 6.32
H11 EDO E . 5.13 -1.95 8.35
H12 EDO E . 6.69 -2.03 8.50
HO1 EDO E . 5.60 -0.02 8.80
H21 EDO E . 6.01 -1.29 6.03
H22 EDO E . 5.28 -2.61 6.41
HO2 EDO E . 7.44 -2.71 5.49
C1 PEG F . 6.57 -7.38 18.33
O1 PEG F . 7.49 -6.43 18.84
C2 PEG F . 6.18 -8.34 19.43
O2 PEG F . 5.31 -7.70 20.33
C3 PEG F . 5.97 -6.90 21.27
C4 PEG F . 5.45 -7.29 22.64
O4 PEG F . 4.27 -6.57 22.93
H11 PEG F . 6.97 -7.88 17.60
H12 PEG F . 5.77 -6.95 17.98
HO1 PEG F . 8.20 -6.83 19.02
H21 PEG F . 6.98 -8.66 19.87
H22 PEG F . 5.76 -9.11 19.02
H31 PEG F . 5.80 -5.96 21.11
H32 PEG F . 6.93 -7.02 21.23
H41 PEG F . 6.17 -7.09 23.28
H42 PEG F . 5.32 -8.24 22.64
HO4 PEG F . 3.73 -6.69 22.29
S SO4 G . -32.80 -9.91 15.62
O1 SO4 G . -31.97 -8.78 16.13
O2 SO4 G . -32.35 -10.26 14.23
O3 SO4 G . -32.63 -11.09 16.53
O4 SO4 G . -34.24 -9.51 15.58
S SO4 H . -13.38 -15.45 21.65
O1 SO4 H . -12.14 -16.09 22.20
O2 SO4 H . -13.85 -16.28 20.51
O3 SO4 H . -14.37 -15.39 22.76
O4 SO4 H . -13.04 -14.06 21.19
CA CA I . -23.44 -20.21 9.01
CA CA J . -6.15 -13.95 -2.28
CA CA K . -23.12 -0.84 -4.95
CA CA L . -15.90 3.70 -1.95
CA CA M . -8.82 4.35 -0.43
N SAH N . 17.83 7.51 -15.37
CA SAH N . 17.57 8.97 -15.43
CB SAH N . 16.39 9.32 -16.36
CG SAH N . 15.03 8.78 -15.95
SD SAH N . 13.65 9.56 -16.87
C SAH N . 17.30 9.47 -14.02
O SAH N . 17.22 10.68 -13.84
OXT SAH N . 17.22 8.63 -13.15
C5' SAH N . 13.41 8.39 -18.21
C4' SAH N . 14.56 8.35 -19.18
O4' SAH N . 14.32 7.32 -20.15
C3' SAH N . 14.77 9.65 -19.98
O3' SAH N . 16.11 10.12 -19.91
C2' SAH N . 14.34 9.24 -21.40
O2' SAH N . 14.97 9.97 -22.43
C1' SAH N . 14.79 7.79 -21.39
N9 SAH N . 14.21 6.94 -22.41
C8 SAH N . 12.90 6.74 -22.71
N7 SAH N . 12.70 5.84 -23.64
C5 SAH N . 13.97 5.43 -23.98
C6 SAH N . 14.45 4.51 -24.92
N6 SAH N . 13.67 3.80 -25.73
N1 SAH N . 15.78 4.33 -24.99
C2 SAH N . 16.58 5.03 -24.17
N3 SAH N . 16.25 5.93 -23.25
C4 SAH N . 14.92 6.09 -23.22
HN1 SAH N . 17.46 7.16 -14.61
HN2 SAH N . 17.47 7.10 -16.10
HA SAH N . 18.38 9.42 -15.76
HB1 SAH N . 16.61 9.00 -17.25
HB2 SAH N . 16.33 10.30 -16.42
HG1 SAH N . 14.89 8.92 -14.99
HG2 SAH N . 15.01 7.81 -16.13
H5'1 SAH N . 12.61 8.62 -18.70
H5'2 SAH N . 13.29 7.52 -17.86
H4' SAH N . 15.39 8.14 -18.69
H3' SAH N . 14.17 10.34 -19.64
HO3' SAH N . 16.61 9.48 -19.65
H2' SAH N . 13.36 9.30 -21.49
HO2' SAH N . 15.66 10.35 -22.11
H1' SAH N . 15.76 7.75 -21.42
H8 SAH N . 12.20 7.20 -22.28
HN61 SAH N . 12.89 4.11 -25.97
HN62 SAH N . 13.95 3.02 -26.03
H2 SAH N . 17.50 4.86 -24.26
C1 EDO O . 19.08 18.62 2.55
O1 EDO O . 19.32 19.10 1.25
C2 EDO O . 17.62 18.80 2.89
O2 EDO O . 17.32 18.31 4.18
H11 EDO O . 19.31 17.68 2.64
H12 EDO O . 19.62 19.10 3.21
HO1 EDO O . 18.70 18.83 0.75
H21 EDO O . 17.11 18.35 2.20
H22 EDO O . 17.43 19.74 2.82
HO2 EDO O . 18.05 18.26 4.62
C1 EDO P . 10.94 5.59 5.83
O1 EDO P . 11.74 6.64 6.31
C2 EDO P . 11.33 5.27 4.43
O2 EDO P . 12.24 4.19 4.44
H11 EDO P . 11.03 4.80 6.38
H12 EDO P . 9.99 5.83 5.84
HO1 EDO P . 11.42 6.91 7.07
H21 EDO P . 10.53 5.06 3.93
H22 EDO P . 11.70 6.07 4.03
HO2 EDO P . 12.37 3.94 3.64
C1 EDO Q . -15.37 10.73 -12.51
O1 EDO Q . -16.55 11.36 -12.97
C2 EDO Q . -15.27 9.34 -13.07
O2 EDO Q . -15.50 9.32 -14.46
H11 EDO Q . -15.37 10.67 -11.54
H12 EDO Q . -14.58 11.23 -12.77
HO1 EDO Q . -16.94 10.83 -13.49
H21 EDO Q . -15.90 8.79 -12.59
H22 EDO Q . -14.39 9.01 -12.85
HO2 EDO Q . -14.89 9.78 -14.84
C1 EDO R . -1.56 18.56 -10.42
O1 EDO R . -0.65 19.64 -10.36
C2 EDO R . -1.24 17.75 -11.65
O2 EDO R . -0.55 18.59 -12.56
H11 EDO R . -2.48 18.87 -10.47
H12 EDO R . -1.50 17.99 -9.63
HO1 EDO R . -0.77 20.04 -9.62
H21 EDO R . -2.07 17.41 -12.01
H22 EDO R . -0.72 16.98 -11.37
HO2 EDO R . -0.62 18.26 -13.33
S SO4 S . 11.67 10.33 -10.31
O1 SO4 S . 11.86 9.68 -8.97
O2 SO4 S . 12.28 11.70 -10.30
O3 SO4 S . 12.32 9.50 -11.37
O4 SO4 S . 10.21 10.44 -10.61
S SO4 T . 26.57 -5.62 -26.90
O1 SO4 T . 25.91 -4.80 -27.97
O2 SO4 T . 25.78 -6.87 -26.70
O3 SO4 T . 27.96 -5.95 -27.38
O4 SO4 T . 26.60 -4.81 -25.64
CA CA U . 25.48 -17.11 -12.02
CA CA V . 32.24 10.75 -23.10
CA CA W . 1.50 -9.58 -15.12
CA CA X . 8.79 -1.73 1.00
CA CA Y . 36.83 5.93 -8.68
CA CA Z . 13.84 -9.40 -2.54
CA CA AA . 8.90 7.16 -12.88
CA CA BA . 30.27 -2.73 -3.99
#